data_9G4K
#
_entry.id   9G4K
#
_cell.length_a   87.148
_cell.length_b   101.458
_cell.length_c   134.139
_cell.angle_alpha   90.00
_cell.angle_beta   90.00
_cell.angle_gamma   90.00
#
_symmetry.space_group_name_H-M   'P 21 21 21'
#
loop_
_entity.id
_entity.type
_entity.pdbx_description
1 polymer 'Glucose-6-phosphate isomerase'
2 non-polymer 'methyl 1H-imidazole-5-carboxylate'
3 non-polymer '5-PHOSPHOARABINONIC ACID'
4 non-polymer 'CHLORIDE ION'
5 water water
#
_entity_poly.entity_id   1
_entity_poly.type   'polypeptide(L)'
_entity_poly.pdbx_seq_one_letter_code
;GPLGSMASFKLATDLPEWKKLEETYKSVGEKFSVRDAFAKDPKRFEEFSWIYKNYDDSKILFDFSKNLVNKEILDQLVTL
AKEAGVEKLRDAMFAGDHINTTEDRAVYHVALRNRALRKMPVDGKDTAQEVDDVLKHMKEFSDSIRDGSWTGYTGKSITD
VVNIGIGGSDLGPVMVTEALKAYSKPGLNVHFISNIDGTHTAETLKNLNPETTLFLIASKTFTTAETITNATSAKNWFLA
TAKDSKHIAKHFAALSTNEKEVVAFGIDAKNMFGFESWVGGRYSVWSAIGLSVAIYIGFENFNDFLKGAEAMDQHFLTTP
LENNIPVIGGLLSVWYNNFFGAQTHLVVPFDQYLHRFPAYLQQLSMESNGKSVTRANVFTNYQTGTILFGEPATNAQHSF
FQLVHQGTKLIPADFILAAQSHNPIEKNLHQRMLASNFFAQSEALMVGKDEAKVKAEGATGGLVPHKEFSGNRPTTSILA
QKITPATLGSLIAYYEHLTFTEGAIWNINSFDQWGVELGKVLAKVIGKELDDKKAVATHDASTNGLINQFKEWEE
;
_entity_poly.pdbx_strand_id   A,B
#
loop_
_chem_comp.id
_chem_comp.type
_chem_comp.name
_chem_comp.formula
A1IIB non-polymer 'methyl 1H-imidazole-5-carboxylate' 'C5 H6 N2 O2'
CL non-polymer 'CHLORIDE ION' 'Cl -1'
PA5 saccharide '5-PHOSPHOARABINONIC ACID' 'C5 H11 O9 P'
#
# COMPACT_ATOMS: atom_id res chain seq x y z
N SER A 5 36.05 -4.71 10.32
CA SER A 5 37.01 -5.80 9.98
C SER A 5 36.49 -7.16 10.44
N MET A 6 35.25 -7.19 10.96
CA MET A 6 34.56 -8.45 11.17
C MET A 6 34.10 -8.97 9.81
N ALA A 7 34.01 -8.08 8.81
CA ALA A 7 33.52 -8.47 7.49
C ALA A 7 34.57 -9.27 6.74
N SER A 8 34.16 -10.20 5.90
CA SER A 8 35.10 -10.99 5.10
C SER A 8 35.31 -10.38 3.70
N PHE A 9 34.54 -9.36 3.31
CA PHE A 9 34.71 -8.70 2.01
C PHE A 9 34.15 -7.28 2.18
N LYS A 10 34.40 -6.41 1.22
CA LYS A 10 33.92 -5.03 1.28
C LYS A 10 32.64 -4.78 0.47
N LEU A 11 32.62 -5.20 -0.80
CA LEU A 11 31.60 -4.85 -1.77
C LEU A 11 31.17 -6.11 -2.52
N ALA A 12 29.86 -6.28 -2.62
CA ALA A 12 29.25 -7.38 -3.36
C ALA A 12 29.81 -7.46 -4.77
N THR A 13 29.97 -6.33 -5.42
CA THR A 13 30.37 -6.23 -6.82
C THR A 13 31.75 -6.83 -7.04
N ASP A 14 32.54 -6.93 -5.98
CA ASP A 14 33.90 -7.49 -6.07
C ASP A 14 33.95 -8.94 -5.59
N LEU A 15 32.84 -9.57 -5.22
CA LEU A 15 32.78 -11.02 -5.10
C LEU A 15 33.04 -11.62 -6.47
N PRO A 16 33.94 -12.62 -6.62
CA PRO A 16 34.26 -13.15 -7.94
C PRO A 16 33.08 -13.58 -8.80
N GLU A 17 32.02 -14.14 -8.18
CA GLU A 17 30.85 -14.58 -8.94
C GLU A 17 30.02 -13.43 -9.49
N TRP A 18 30.11 -12.24 -8.89
CA TRP A 18 29.32 -11.09 -9.35
C TRP A 18 29.56 -10.77 -10.82
N LYS A 19 30.81 -10.64 -11.25
CA LYS A 19 31.04 -10.37 -12.66
C LYS A 19 30.62 -11.54 -13.55
N LYS A 20 30.71 -12.78 -13.05
CA LYS A 20 30.24 -13.93 -13.80
C LYS A 20 28.72 -13.89 -13.98
N LEU A 21 28.00 -13.48 -12.94
CA LEU A 21 26.56 -13.25 -13.09
C LEU A 21 26.21 -12.13 -14.08
N GLU A 22 27.00 -11.06 -14.14
CA GLU A 22 26.79 -10.00 -15.13
C GLU A 22 26.93 -10.58 -16.53
N GLU A 23 27.92 -11.46 -16.75
CA GLU A 23 28.09 -12.08 -18.06
C GLU A 23 26.94 -13.04 -18.41
N THR A 24 26.47 -13.82 -17.43
CA THR A 24 25.32 -14.69 -17.60
C THR A 24 24.08 -13.85 -17.89
N TYR A 25 23.92 -12.73 -17.18
CA TYR A 25 22.80 -11.84 -17.48
C TYR A 25 22.81 -11.44 -18.96
N LYS A 26 23.97 -11.02 -19.46
CA LYS A 26 24.02 -10.54 -20.83
C LYS A 26 23.74 -11.71 -21.77
N SER A 27 24.28 -12.89 -21.46
CA SER A 27 24.23 -13.98 -22.45
C SER A 27 22.92 -14.75 -22.41
N VAL A 28 22.26 -14.88 -21.27
CA VAL A 28 21.14 -15.82 -21.13
CA VAL A 28 21.14 -15.81 -21.16
C VAL A 28 20.03 -15.20 -20.30
N GLY A 29 20.38 -14.31 -19.35
CA GLY A 29 19.39 -13.75 -18.45
C GLY A 29 18.45 -12.72 -19.08
N GLU A 30 19.02 -11.72 -19.74
CA GLU A 30 18.26 -10.57 -20.19
C GLU A 30 17.12 -11.04 -21.09
N LYS A 31 17.40 -11.99 -21.99
CA LYS A 31 16.44 -12.43 -22.99
C LYS A 31 15.82 -13.80 -22.63
N PHE A 32 15.87 -14.15 -21.34
CA PHE A 32 15.35 -15.42 -20.87
C PHE A 32 13.88 -15.58 -21.23
N SER A 33 13.60 -16.75 -21.83
CA SER A 33 12.26 -17.20 -22.15
C SER A 33 11.83 -18.31 -21.19
N VAL A 34 10.83 -17.99 -20.35
CA VAL A 34 10.26 -18.97 -19.47
C VAL A 34 9.55 -20.06 -20.27
N ARG A 35 8.81 -19.65 -21.30
CA ARG A 35 8.18 -20.60 -22.20
C ARG A 35 9.22 -21.63 -22.70
N ASP A 36 10.38 -21.19 -23.20
CA ASP A 36 11.37 -22.13 -23.68
C ASP A 36 11.93 -22.96 -22.55
N ALA A 37 12.02 -22.38 -21.36
CA ALA A 37 12.55 -23.11 -20.24
C ALA A 37 11.70 -24.37 -19.93
N PHE A 38 10.37 -24.20 -19.93
CA PHE A 38 9.47 -25.32 -19.67
C PHE A 38 9.61 -26.36 -20.80
N ALA A 39 9.79 -25.90 -22.04
CA ALA A 39 9.83 -26.82 -23.17
C ALA A 39 11.13 -27.64 -23.17
N LYS A 40 12.22 -27.03 -22.66
CA LYS A 40 13.53 -27.65 -22.57
C LYS A 40 13.55 -28.67 -21.45
N ASP A 41 12.79 -28.45 -20.36
CA ASP A 41 12.98 -29.19 -19.13
C ASP A 41 11.62 -29.71 -18.68
N PRO A 42 11.27 -30.97 -19.00
CA PRO A 42 9.99 -31.52 -18.62
C PRO A 42 9.78 -31.61 -17.10
N LYS A 43 10.84 -31.47 -16.33
CA LYS A 43 10.73 -31.56 -14.88
C LYS A 43 10.87 -30.18 -14.24
N ARG A 44 10.64 -29.10 -15.00
CA ARG A 44 10.94 -27.77 -14.48
C ARG A 44 10.11 -27.46 -13.24
N PHE A 45 8.84 -27.82 -13.22
CA PHE A 45 8.05 -27.51 -12.05
C PHE A 45 8.61 -28.20 -10.82
N GLU A 46 8.92 -29.50 -10.95
CA GLU A 46 9.46 -30.23 -9.82
C GLU A 46 10.81 -29.65 -9.38
N GLU A 47 11.66 -29.24 -10.34
CA GLU A 47 12.99 -28.77 -10.04
C GLU A 47 12.99 -27.38 -9.37
N PHE A 48 11.96 -26.57 -9.63
CA PHE A 48 11.95 -25.19 -9.14
C PHE A 48 10.78 -24.90 -8.21
N SER A 49 10.23 -25.96 -7.62
CA SER A 49 9.23 -25.85 -6.57
C SER A 49 9.69 -26.70 -5.38
N TRP A 50 9.40 -26.23 -4.16
CA TRP A 50 9.77 -26.90 -2.92
C TRP A 50 8.53 -26.93 -2.02
N ILE A 51 8.29 -28.08 -1.39
CA ILE A 51 7.28 -28.21 -0.35
C ILE A 51 7.98 -27.99 0.98
N TYR A 52 7.45 -27.05 1.75
CA TYR A 52 7.87 -26.81 3.11
C TYR A 52 6.89 -27.55 4.02
N LYS A 53 7.41 -28.36 4.94
CA LYS A 53 6.58 -29.02 5.95
C LYS A 53 6.73 -28.29 7.27
N ASN A 54 5.59 -27.85 7.83
CA ASN A 54 5.61 -27.14 9.09
C ASN A 54 5.63 -28.13 10.28
N TYR A 55 5.77 -27.61 11.50
CA TYR A 55 5.98 -28.47 12.67
C TYR A 55 4.77 -29.36 12.96
N ASP A 56 3.61 -28.94 12.43
CA ASP A 56 2.32 -29.56 12.68
C ASP A 56 1.91 -30.46 11.51
N ASP A 57 2.85 -30.74 10.58
CA ASP A 57 2.72 -31.56 9.40
C ASP A 57 1.87 -30.90 8.32
N SER A 58 1.49 -29.62 8.51
CA SER A 58 0.88 -28.85 7.44
C SER A 58 1.99 -28.46 6.46
N LYS A 59 1.56 -27.98 5.29
CA LYS A 59 2.49 -27.81 4.18
C LYS A 59 2.22 -26.50 3.44
N ILE A 60 3.32 -26.00 2.83
CA ILE A 60 3.25 -24.86 1.96
C ILE A 60 4.13 -25.16 0.74
N LEU A 61 3.52 -25.03 -0.44
CA LEU A 61 4.26 -25.14 -1.69
C LEU A 61 4.82 -23.79 -2.12
N PHE A 62 6.14 -23.74 -2.37
CA PHE A 62 6.84 -22.56 -2.88
C PHE A 62 7.26 -22.84 -4.31
N ASP A 63 6.47 -22.34 -5.27
CA ASP A 63 6.79 -22.56 -6.68
C ASP A 63 7.50 -21.35 -7.31
N PHE A 64 8.75 -21.56 -7.66
CA PHE A 64 9.51 -20.48 -8.25
C PHE A 64 9.68 -20.66 -9.75
N SER A 65 8.96 -21.62 -10.36
CA SER A 65 9.29 -22.06 -11.71
C SER A 65 8.86 -21.06 -12.79
N LYS A 66 8.04 -20.05 -12.48
CA LYS A 66 7.72 -19.02 -13.49
C LYS A 66 8.71 -17.83 -13.43
N ASN A 67 9.80 -17.93 -12.66
CA ASN A 67 10.82 -16.91 -12.59
C ASN A 67 11.78 -17.06 -13.78
N LEU A 68 12.51 -15.96 -14.03
CA LEU A 68 13.53 -15.91 -15.08
C LEU A 68 14.83 -16.54 -14.55
N VAL A 69 14.82 -17.87 -14.36
CA VAL A 69 15.88 -18.57 -13.68
C VAL A 69 15.92 -19.99 -14.26
N ASN A 70 17.14 -20.57 -14.29
CA ASN A 70 17.33 -21.99 -14.59
C ASN A 70 18.42 -22.52 -13.67
N LYS A 71 18.82 -23.76 -13.89
CA LYS A 71 19.82 -24.38 -13.03
C LYS A 71 21.13 -23.60 -13.06
N GLU A 72 21.59 -23.25 -14.26
CA GLU A 72 22.84 -22.52 -14.41
C GLU A 72 22.81 -21.23 -13.58
N ILE A 73 21.75 -20.44 -13.72
CA ILE A 73 21.64 -19.16 -13.01
C ILE A 73 21.58 -19.40 -11.48
N LEU A 74 20.71 -20.31 -11.03
CA LEU A 74 20.53 -20.52 -9.61
C LEU A 74 21.82 -21.04 -8.99
N ASP A 75 22.57 -21.90 -9.70
CA ASP A 75 23.84 -22.40 -9.16
C ASP A 75 24.86 -21.26 -9.02
N GLN A 76 24.88 -20.31 -9.97
CA GLN A 76 25.72 -19.13 -9.86
C GLN A 76 25.32 -18.28 -8.66
N LEU A 77 24.00 -18.11 -8.45
CA LEU A 77 23.54 -17.30 -7.36
C LEU A 77 23.93 -17.98 -6.04
N VAL A 78 23.80 -19.30 -5.96
CA VAL A 78 24.23 -20.02 -4.76
C VAL A 78 25.73 -19.80 -4.53
N THR A 79 26.55 -19.86 -5.59
CA THR A 79 27.97 -19.61 -5.42
C THR A 79 28.22 -18.21 -4.85
N LEU A 80 27.45 -17.24 -5.36
CA LEU A 80 27.56 -15.89 -4.86
C LEU A 80 27.26 -15.86 -3.36
N ALA A 81 26.18 -16.54 -2.93
CA ALA A 81 25.84 -16.54 -1.50
C ALA A 81 26.95 -17.17 -0.65
N LYS A 82 27.62 -18.18 -1.16
CA LYS A 82 28.74 -18.78 -0.44
C LYS A 82 29.91 -17.82 -0.34
N GLU A 83 30.23 -17.11 -1.42
CA GLU A 83 31.30 -16.12 -1.41
C GLU A 83 31.00 -14.99 -0.45
N ALA A 84 29.72 -14.65 -0.32
CA ALA A 84 29.30 -13.57 0.57
C ALA A 84 29.25 -14.01 2.05
N GLY A 85 29.37 -15.30 2.33
CA GLY A 85 29.34 -15.73 3.71
C GLY A 85 27.94 -15.68 4.29
N VAL A 86 26.92 -15.92 3.45
CA VAL A 86 25.55 -15.94 4.00
C VAL A 86 25.43 -16.91 5.19
N GLU A 87 25.96 -18.14 5.07
CA GLU A 87 25.85 -19.15 6.10
C GLU A 87 26.60 -18.77 7.39
N LYS A 88 27.79 -18.20 7.24
CA LYS A 88 28.56 -17.76 8.40
C LYS A 88 27.85 -16.63 9.15
N LEU A 89 27.24 -15.68 8.44
CA LEU A 89 26.51 -14.59 9.10
C LEU A 89 25.24 -15.13 9.78
N ARG A 90 24.55 -16.04 9.11
CA ARG A 90 23.36 -16.63 9.69
C ARG A 90 23.72 -17.44 10.94
N ASP A 91 24.79 -18.20 10.88
CA ASP A 91 25.20 -18.96 12.05
C ASP A 91 25.52 -18.03 13.22
N ALA A 92 26.17 -16.88 12.94
CA ALA A 92 26.47 -15.87 13.95
C ALA A 92 25.22 -15.25 14.53
N MET A 93 24.20 -15.00 13.68
CA MET A 93 22.94 -14.52 14.17
C MET A 93 22.37 -15.50 15.19
N PHE A 94 22.28 -16.79 14.84
CA PHE A 94 21.72 -17.84 15.70
C PHE A 94 22.57 -18.15 16.94
N ALA A 95 23.83 -17.77 16.92
CA ALA A 95 24.70 -17.89 18.10
C ALA A 95 24.58 -16.72 19.10
N GLY A 96 23.82 -15.65 18.76
CA GLY A 96 23.69 -14.49 19.64
C GLY A 96 24.80 -13.47 19.50
N ASP A 97 25.61 -13.61 18.44
CA ASP A 97 26.71 -12.71 18.18
C ASP A 97 26.14 -11.32 17.83
N HIS A 98 26.94 -10.30 18.09
CA HIS A 98 26.50 -8.93 17.89
C HIS A 98 26.66 -8.48 16.43
N ILE A 99 25.84 -9.06 15.53
CA ILE A 99 25.98 -8.85 14.10
C ILE A 99 25.34 -7.53 13.67
N ASN A 100 24.55 -6.93 14.55
CA ASN A 100 24.15 -5.54 14.40
C ASN A 100 25.32 -4.67 14.84
N THR A 101 26.26 -4.39 13.92
CA THR A 101 27.56 -3.88 14.29
C THR A 101 27.53 -2.41 14.72
N THR A 102 26.65 -1.62 14.10
CA THR A 102 26.58 -0.19 14.28
C THR A 102 25.93 0.18 15.59
N GLU A 103 25.01 -0.65 16.08
CA GLU A 103 24.44 -0.51 17.41
C GLU A 103 25.10 -1.45 18.44
N ASP A 104 26.00 -2.32 18.01
CA ASP A 104 26.64 -3.29 18.88
C ASP A 104 25.59 -4.08 19.68
N ARG A 105 24.81 -4.87 18.95
CA ARG A 105 23.69 -5.60 19.52
C ARG A 105 23.59 -6.95 18.82
N ALA A 106 23.08 -7.96 19.56
CA ALA A 106 22.63 -9.20 19.00
C ALA A 106 21.40 -8.95 18.14
N VAL A 107 21.08 -9.94 17.32
CA VAL A 107 19.92 -9.90 16.46
C VAL A 107 19.19 -11.19 16.71
N TYR A 108 18.17 -11.16 17.59
CA TYR A 108 17.76 -12.42 18.17
C TYR A 108 16.26 -12.54 18.27
N HIS A 109 15.54 -12.06 17.25
CA HIS A 109 14.15 -12.45 17.05
C HIS A 109 13.96 -13.97 16.99
N VAL A 110 14.94 -14.71 16.43
CA VAL A 110 14.81 -16.16 16.44
C VAL A 110 14.68 -16.75 17.84
N ALA A 111 15.25 -16.11 18.87
CA ALA A 111 15.14 -16.60 20.22
C ALA A 111 13.77 -16.39 20.81
N LEU A 112 12.97 -15.50 20.20
CA LEU A 112 11.64 -15.18 20.73
C LEU A 112 10.68 -16.35 20.56
N ARG A 113 10.87 -17.13 19.49
CA ARG A 113 10.00 -18.24 19.14
C ARG A 113 10.69 -19.59 19.41
N ASN A 114 11.71 -19.57 20.27
CA ASN A 114 12.41 -20.76 20.72
C ASN A 114 11.52 -21.57 21.68
N ARG A 115 10.42 -22.13 21.20
CA ARG A 115 9.50 -22.89 22.04
C ARG A 115 10.13 -24.22 22.49
N ALA A 116 11.09 -24.74 21.72
CA ALA A 116 11.80 -25.99 21.99
C ALA A 116 12.73 -25.82 23.17
N LEU A 117 13.02 -24.57 23.54
CA LEU A 117 13.96 -24.24 24.60
C LEU A 117 15.34 -24.80 24.31
N ARG A 118 15.76 -24.60 23.06
CA ARG A 118 17.15 -24.79 22.72
C ARG A 118 18.01 -23.76 23.45
N LYS A 119 19.28 -24.09 23.67
CA LYS A 119 20.19 -23.11 24.23
C LYS A 119 20.44 -22.02 23.19
N MET A 120 20.07 -20.77 23.53
CA MET A 120 20.21 -19.67 22.62
C MET A 120 20.74 -18.49 23.41
N PRO A 121 22.07 -18.39 23.54
CA PRO A 121 22.67 -17.42 24.44
C PRO A 121 23.00 -16.06 23.82
N VAL A 122 22.83 -15.00 24.62
CA VAL A 122 23.32 -13.66 24.35
C VAL A 122 24.31 -13.28 25.46
N ASP A 123 25.52 -12.85 25.08
CA ASP A 123 26.53 -12.46 26.08
C ASP A 123 26.80 -13.67 26.97
N GLY A 124 26.75 -14.84 26.31
CA GLY A 124 27.06 -16.13 26.90
C GLY A 124 26.06 -16.63 27.95
N LYS A 125 24.87 -16.02 28.01
CA LYS A 125 23.84 -16.46 28.93
C LYS A 125 22.62 -16.88 28.11
N ASP A 126 22.18 -18.12 28.29
CA ASP A 126 20.99 -18.61 27.62
C ASP A 126 19.81 -17.67 27.85
N THR A 127 19.06 -17.41 26.75
CA THR A 127 17.85 -16.61 26.79
C THR A 127 16.58 -17.46 26.92
N ALA A 128 16.66 -18.79 26.79
CA ALA A 128 15.47 -19.62 26.60
C ALA A 128 14.45 -19.44 27.72
N GLN A 129 14.89 -19.45 28.98
CA GLN A 129 13.94 -19.42 30.09
C GLN A 129 13.42 -18.00 30.32
N GLU A 130 14.23 -17.00 30.06
CA GLU A 130 13.85 -15.63 30.23
C GLU A 130 12.75 -15.26 29.22
N VAL A 131 12.95 -15.69 27.96
CA VAL A 131 11.92 -15.51 26.94
C VAL A 131 10.62 -16.24 27.33
N ASP A 132 10.80 -17.47 27.78
CA ASP A 132 9.69 -18.33 28.11
C ASP A 132 8.90 -17.75 29.26
N ASP A 133 9.60 -17.15 30.24
CA ASP A 133 8.93 -16.58 31.39
C ASP A 133 8.06 -15.40 30.96
N VAL A 134 8.51 -14.61 29.99
CA VAL A 134 7.65 -13.54 29.52
C VAL A 134 6.40 -14.11 28.81
N LEU A 135 6.58 -15.17 28.02
CA LEU A 135 5.46 -15.83 27.35
C LEU A 135 4.47 -16.39 28.38
N LYS A 136 4.97 -16.92 29.52
CA LYS A 136 4.06 -17.40 30.57
C LYS A 136 3.24 -16.24 31.16
N HIS A 137 3.87 -15.07 31.37
CA HIS A 137 3.18 -13.87 31.83
C HIS A 137 2.12 -13.48 30.81
N MET A 138 2.51 -13.40 29.57
CA MET A 138 1.56 -13.09 28.48
C MET A 138 0.38 -14.06 28.50
N LYS A 139 0.63 -15.37 28.69
CA LYS A 139 -0.44 -16.36 28.68
C LYS A 139 -1.38 -16.10 29.86
N GLU A 140 -0.79 -15.84 31.04
CA GLU A 140 -1.56 -15.58 32.26
CA GLU A 140 -1.61 -15.63 32.23
C GLU A 140 -2.47 -14.38 32.04
N PHE A 141 -1.91 -13.28 31.52
CA PHE A 141 -2.64 -12.02 31.47
C PHE A 141 -3.71 -12.12 30.38
N SER A 142 -3.33 -12.60 29.20
CA SER A 142 -4.30 -12.74 28.12
C SER A 142 -5.44 -13.70 28.49
N ASP A 143 -5.10 -14.79 29.22
CA ASP A 143 -6.13 -15.69 29.70
C ASP A 143 -7.09 -14.94 30.63
N SER A 144 -6.58 -14.09 31.51
CA SER A 144 -7.39 -13.37 32.51
C SER A 144 -8.29 -12.30 31.85
N ILE A 145 -7.82 -11.67 30.78
CA ILE A 145 -8.69 -10.78 30.03
C ILE A 145 -9.83 -11.60 29.43
N ARG A 146 -9.52 -12.75 28.80
CA ARG A 146 -10.48 -13.54 28.04
C ARG A 146 -11.50 -14.25 28.93
N ASP A 147 -11.09 -14.65 30.15
CA ASP A 147 -11.98 -15.37 31.08
C ASP A 147 -12.70 -14.42 32.04
N GLY A 148 -12.45 -13.10 31.96
CA GLY A 148 -13.14 -12.12 32.80
C GLY A 148 -12.59 -11.99 34.24
N SER A 149 -11.48 -12.67 34.57
CA SER A 149 -10.89 -12.51 35.89
C SER A 149 -10.17 -11.19 36.02
N TRP A 150 -9.69 -10.63 34.90
CA TRP A 150 -9.22 -9.26 34.90
C TRP A 150 -10.38 -8.33 34.57
N THR A 151 -10.90 -7.62 35.58
CA THR A 151 -11.99 -6.70 35.40
C THR A 151 -11.51 -5.25 35.35
N GLY A 152 -12.33 -4.39 34.73
CA GLY A 152 -12.10 -2.97 34.77
C GLY A 152 -12.45 -2.36 36.13
N TYR A 153 -12.41 -1.04 36.24
CA TYR A 153 -12.47 -0.44 37.56
C TYR A 153 -13.89 -0.51 38.12
N THR A 154 -14.91 -0.77 37.29
CA THR A 154 -16.27 -0.98 37.78
C THR A 154 -16.68 -2.45 37.78
N GLY A 155 -15.73 -3.39 37.68
CA GLY A 155 -15.98 -4.80 37.84
C GLY A 155 -16.49 -5.51 36.59
N LYS A 156 -16.36 -4.85 35.41
CA LYS A 156 -16.83 -5.43 34.17
C LYS A 156 -15.69 -6.07 33.39
N SER A 157 -16.03 -7.06 32.55
CA SER A 157 -15.08 -7.69 31.65
C SER A 157 -14.58 -6.67 30.64
N ILE A 158 -13.34 -6.85 30.19
CA ILE A 158 -12.81 -6.04 29.12
C ILE A 158 -13.45 -6.44 27.80
N THR A 159 -13.86 -5.43 27.01
CA THR A 159 -14.46 -5.70 25.71
C THR A 159 -13.56 -5.20 24.56
N ASP A 160 -12.71 -4.23 24.86
CA ASP A 160 -11.94 -3.55 23.83
C ASP A 160 -10.51 -3.39 24.32
N VAL A 161 -9.54 -3.80 23.48
CA VAL A 161 -8.12 -3.66 23.79
C VAL A 161 -7.51 -2.73 22.76
N VAL A 162 -6.94 -1.64 23.23
CA VAL A 162 -6.34 -0.63 22.37
C VAL A 162 -4.82 -0.69 22.53
N ASN A 163 -4.15 -1.08 21.44
CA ASN A 163 -2.73 -0.94 21.35
C ASN A 163 -2.37 0.47 20.92
N ILE A 164 -1.40 1.08 21.61
CA ILE A 164 -0.91 2.39 21.22
C ILE A 164 0.58 2.27 20.98
N GLY A 165 0.98 2.53 19.74
CA GLY A 165 2.37 2.36 19.37
C GLY A 165 2.54 2.65 17.90
N ILE A 166 3.78 2.74 17.40
CA ILE A 166 3.97 3.11 16.01
C ILE A 166 5.11 2.29 15.40
N GLY A 167 5.04 2.14 14.08
CA GLY A 167 6.06 1.39 13.36
C GLY A 167 6.10 -0.05 13.83
N GLY A 168 7.27 -0.52 14.27
CA GLY A 168 7.40 -1.91 14.70
C GLY A 168 6.52 -2.27 15.89
N SER A 169 6.05 -1.25 16.61
CA SER A 169 5.19 -1.51 17.76
C SER A 169 3.70 -1.47 17.43
N ASP A 170 3.36 -1.39 16.12
CA ASP A 170 2.01 -1.23 15.61
C ASP A 170 1.72 -2.22 14.48
N LEU A 171 2.56 -2.26 13.43
CA LEU A 171 2.17 -2.85 12.19
C LEU A 171 2.07 -4.36 12.31
N GLY A 172 2.90 -5.00 13.13
CA GLY A 172 2.77 -6.43 13.32
C GLY A 172 1.44 -6.82 14.00
N PRO A 173 1.16 -6.16 15.13
CA PRO A 173 -0.12 -6.38 15.80
C PRO A 173 -1.31 -6.15 14.89
N VAL A 174 -1.30 -5.02 14.17
CA VAL A 174 -2.35 -4.79 13.17
C VAL A 174 -2.46 -5.99 12.21
N MET A 175 -1.36 -6.30 11.52
CA MET A 175 -1.43 -7.24 10.43
C MET A 175 -1.88 -8.63 10.88
N VAL A 176 -1.41 -9.06 12.07
CA VAL A 176 -1.54 -10.45 12.48
C VAL A 176 -2.92 -10.60 13.11
N THR A 177 -3.42 -9.53 13.76
CA THR A 177 -4.78 -9.62 14.30
C THR A 177 -5.77 -9.66 13.13
N GLU A 178 -5.52 -8.86 12.07
CA GLU A 178 -6.36 -8.88 10.88
C GLU A 178 -6.30 -10.27 10.21
N ALA A 179 -5.07 -10.80 10.06
CA ALA A 179 -4.85 -12.04 9.33
C ALA A 179 -5.49 -13.24 10.02
N LEU A 180 -5.50 -13.21 11.37
CA LEU A 180 -5.99 -14.33 12.18
C LEU A 180 -7.32 -14.01 12.83
N LYS A 181 -8.08 -13.05 12.24
CA LYS A 181 -9.39 -12.65 12.78
C LYS A 181 -10.39 -13.81 12.89
N ALA A 182 -10.25 -14.83 12.06
CA ALA A 182 -11.17 -15.99 12.13
C ALA A 182 -11.06 -16.69 13.49
N TYR A 183 -9.95 -16.47 14.24
CA TYR A 183 -9.68 -17.13 15.50
C TYR A 183 -10.08 -16.29 16.73
N SER A 184 -10.73 -15.13 16.50
CA SER A 184 -11.16 -14.21 17.56
C SER A 184 -12.48 -14.68 18.17
N LYS A 185 -12.90 -13.99 19.24
CA LYS A 185 -14.00 -14.36 20.12
C LYS A 185 -15.03 -13.24 20.01
N PRO A 186 -16.34 -13.51 19.80
CA PRO A 186 -17.32 -12.43 19.81
C PRO A 186 -17.24 -11.57 21.07
N GLY A 187 -17.33 -10.26 20.91
CA GLY A 187 -17.41 -9.37 22.04
C GLY A 187 -16.06 -8.94 22.62
N LEU A 188 -14.94 -9.34 22.00
CA LEU A 188 -13.63 -8.92 22.45
C LEU A 188 -12.86 -8.44 21.24
N ASN A 189 -12.72 -7.12 21.17
CA ASN A 189 -12.21 -6.45 19.99
C ASN A 189 -10.89 -5.77 20.29
N VAL A 190 -10.12 -5.63 19.19
CA VAL A 190 -8.83 -4.94 19.24
C VAL A 190 -8.86 -3.72 18.33
N HIS A 191 -8.09 -2.73 18.75
CA HIS A 191 -7.94 -1.45 18.06
C HIS A 191 -6.50 -0.97 18.20
N PHE A 192 -6.07 -0.09 17.26
CA PHE A 192 -4.68 0.28 17.11
C PHE A 192 -4.58 1.78 16.83
N ILE A 193 -4.15 2.57 17.82
CA ILE A 193 -3.81 3.98 17.66
C ILE A 193 -2.31 4.04 17.45
N SER A 194 -1.88 4.72 16.39
CA SER A 194 -0.47 4.81 16.03
C SER A 194 -0.08 6.22 15.56
N ASN A 195 -0.81 6.79 14.61
CA ASN A 195 -0.45 8.10 14.08
C ASN A 195 -0.51 9.15 15.18
N ILE A 196 0.37 10.11 15.15
CA ILE A 196 0.25 11.27 16.05
C ILE A 196 -0.97 12.10 15.66
N ASP A 197 -1.37 12.13 14.38
CA ASP A 197 -2.56 12.83 13.98
C ASP A 197 -3.68 12.56 14.98
N GLY A 198 -4.23 13.62 15.58
CA GLY A 198 -5.29 13.50 16.60
C GLY A 198 -6.58 12.82 16.10
N THR A 199 -6.82 12.81 14.77
CA THR A 199 -7.86 11.98 14.21
C THR A 199 -7.79 10.54 14.69
N HIS A 200 -6.58 9.94 14.76
CA HIS A 200 -6.43 8.53 15.09
C HIS A 200 -6.95 8.28 16.50
N THR A 201 -6.57 9.13 17.48
CA THR A 201 -7.15 9.03 18.81
C THR A 201 -8.64 9.29 18.87
N ALA A 202 -9.09 10.41 18.28
CA ALA A 202 -10.49 10.82 18.35
C ALA A 202 -11.39 9.73 17.75
N GLU A 203 -11.03 9.21 16.59
CA GLU A 203 -11.94 8.29 15.91
C GLU A 203 -11.91 6.93 16.62
N THR A 204 -10.76 6.51 17.16
CA THR A 204 -10.67 5.17 17.74
C THR A 204 -11.45 5.11 19.06
N LEU A 205 -11.38 6.20 19.84
CA LEU A 205 -11.95 6.20 21.18
C LEU A 205 -13.40 6.67 21.20
N LYS A 206 -13.91 7.17 20.06
CA LYS A 206 -15.21 7.84 19.96
C LYS A 206 -16.29 7.01 20.66
N ASN A 207 -16.33 5.70 20.36
CA ASN A 207 -17.46 4.92 20.89
C ASN A 207 -17.08 3.83 21.89
N LEU A 208 -15.89 3.90 22.46
CA LEU A 208 -15.46 2.94 23.47
C LEU A 208 -15.85 3.43 24.88
N ASN A 209 -16.00 2.44 25.76
CA ASN A 209 -16.33 2.64 27.17
C ASN A 209 -15.06 2.57 28.01
N PRO A 210 -14.62 3.64 28.69
CA PRO A 210 -13.45 3.52 29.57
C PRO A 210 -13.55 2.39 30.58
N GLU A 211 -14.77 2.10 31.08
CA GLU A 211 -14.92 1.01 32.04
C GLU A 211 -14.51 -0.38 31.51
N THR A 212 -14.51 -0.59 30.17
CA THR A 212 -14.30 -1.90 29.59
C THR A 212 -13.18 -1.86 28.54
N THR A 213 -12.39 -0.78 28.54
CA THR A 213 -11.28 -0.61 27.60
C THR A 213 -9.92 -0.75 28.32
N LEU A 214 -9.03 -1.58 27.75
CA LEU A 214 -7.68 -1.78 28.24
C LEU A 214 -6.70 -1.27 27.19
N PHE A 215 -5.73 -0.47 27.63
CA PHE A 215 -4.67 0.05 26.76
C PHE A 215 -3.38 -0.73 26.94
N LEU A 216 -2.72 -1.01 25.81
CA LEU A 216 -1.37 -1.55 25.80
C LEU A 216 -0.51 -0.49 25.16
N ILE A 217 0.40 0.09 25.96
CA ILE A 217 1.30 1.08 25.43
C ILE A 217 2.56 0.33 24.97
N ALA A 218 2.77 0.31 23.66
CA ALA A 218 3.78 -0.52 23.04
C ALA A 218 4.91 0.36 22.50
N SER A 219 6.05 0.27 23.18
CA SER A 219 7.20 1.06 22.81
C SER A 219 8.47 0.42 23.33
N LYS A 220 9.38 0.04 22.41
CA LYS A 220 10.66 -0.54 22.79
C LYS A 220 11.38 0.39 23.76
N THR A 221 11.54 1.66 23.36
CA THR A 221 12.27 2.64 24.16
C THR A 221 11.42 3.23 25.29
N PHE A 222 10.12 3.28 25.04
CA PHE A 222 9.15 4.02 25.84
C PHE A 222 9.45 5.52 25.86
N THR A 223 10.09 6.07 24.80
CA THR A 223 10.32 7.48 24.67
C THR A 223 9.77 8.05 23.36
N THR A 224 9.26 7.22 22.46
CA THR A 224 8.83 7.70 21.15
C THR A 224 7.79 8.81 21.34
N ALA A 225 8.02 9.93 20.67
CA ALA A 225 7.18 11.11 20.83
C ALA A 225 5.72 10.78 20.55
N GLU A 226 5.45 10.13 19.40
CA GLU A 226 4.06 9.93 19.00
C GLU A 226 3.39 9.09 20.08
N THR A 227 4.07 8.02 20.50
CA THR A 227 3.43 7.04 21.35
C THR A 227 3.17 7.62 22.74
N ILE A 228 4.16 8.29 23.31
CA ILE A 228 3.97 8.84 24.65
C ILE A 228 2.90 9.93 24.67
N THR A 229 2.86 10.75 23.62
CA THR A 229 1.80 11.75 23.46
C THR A 229 0.44 11.09 23.34
N ASN A 230 0.35 10.07 22.47
CA ASN A 230 -0.90 9.36 22.27
C ASN A 230 -1.31 8.73 23.60
N ALA A 231 -0.35 8.17 24.34
CA ALA A 231 -0.67 7.42 25.55
C ALA A 231 -1.18 8.41 26.60
N THR A 232 -0.61 9.60 26.63
CA THR A 232 -1.02 10.62 27.58
C THR A 232 -2.44 11.08 27.28
N SER A 233 -2.76 11.25 25.98
CA SER A 233 -4.10 11.65 25.57
C SER A 233 -5.13 10.57 25.93
N ALA A 234 -4.75 9.30 25.75
CA ALA A 234 -5.63 8.18 26.12
C ALA A 234 -5.87 8.15 27.63
N LYS A 235 -4.81 8.44 28.40
CA LYS A 235 -4.94 8.48 29.86
C LYS A 235 -5.89 9.63 30.22
N ASN A 236 -5.76 10.78 29.54
CA ASN A 236 -6.70 11.88 29.78
C ASN A 236 -8.15 11.49 29.51
N TRP A 237 -8.40 10.85 28.38
CA TRP A 237 -9.71 10.31 28.03
C TRP A 237 -10.23 9.32 29.09
N PHE A 238 -9.36 8.42 29.56
CA PHE A 238 -9.78 7.47 30.57
C PHE A 238 -10.19 8.19 31.88
N LEU A 239 -9.31 9.09 32.36
CA LEU A 239 -9.53 9.79 33.62
C LEU A 239 -10.71 10.77 33.53
N ALA A 240 -11.04 11.30 32.35
CA ALA A 240 -12.25 12.10 32.21
C ALA A 240 -13.46 11.38 32.81
N THR A 241 -13.55 10.07 32.60
CA THR A 241 -14.63 9.24 33.11
C THR A 241 -14.27 8.65 34.48
N ALA A 242 -13.05 8.11 34.63
CA ALA A 242 -12.73 7.29 35.79
C ALA A 242 -12.32 8.15 37.00
N LYS A 243 -11.80 9.35 36.73
CA LYS A 243 -11.48 10.37 37.72
C LYS A 243 -10.22 10.02 38.53
N ASP A 244 -10.21 8.85 39.17
CA ASP A 244 -9.18 8.50 40.15
C ASP A 244 -8.05 7.74 39.47
N SER A 245 -6.81 8.25 39.60
CA SER A 245 -5.66 7.65 38.94
C SER A 245 -5.36 6.23 39.47
N LYS A 246 -5.95 5.83 40.62
CA LYS A 246 -5.69 4.50 41.13
C LYS A 246 -6.26 3.46 40.17
N HIS A 247 -7.26 3.88 39.35
CA HIS A 247 -7.92 3.00 38.42
C HIS A 247 -7.02 2.67 37.22
N ILE A 248 -5.94 3.45 37.03
CA ILE A 248 -5.10 3.23 35.86
C ILE A 248 -4.54 1.81 35.83
N ALA A 249 -4.20 1.25 37.01
CA ALA A 249 -3.58 -0.07 37.11
C ALA A 249 -4.42 -1.21 36.53
N LYS A 250 -5.72 -1.00 36.35
CA LYS A 250 -6.60 -1.99 35.74
C LYS A 250 -6.75 -1.78 34.23
N HIS A 251 -6.25 -0.64 33.68
CA HIS A 251 -6.63 -0.22 32.34
C HIS A 251 -5.42 0.04 31.45
N PHE A 252 -4.21 0.03 32.02
CA PHE A 252 -3.02 0.34 31.22
C PHE A 252 -1.88 -0.63 31.52
N ALA A 253 -1.32 -1.21 30.45
CA ALA A 253 -0.14 -2.04 30.58
C ALA A 253 0.84 -1.58 29.53
N ALA A 254 2.09 -2.04 29.67
CA ALA A 254 3.18 -1.60 28.81
C ALA A 254 3.93 -2.80 28.21
N LEU A 255 4.38 -2.60 26.96
CA LEU A 255 5.15 -3.59 26.23
C LEU A 255 6.45 -2.87 25.87
N SER A 256 7.58 -3.23 26.49
CA SER A 256 8.71 -2.34 26.43
C SER A 256 10.00 -2.99 26.92
N THR A 257 11.13 -2.34 26.59
CA THR A 257 12.41 -2.73 27.17
C THR A 257 12.81 -1.84 28.34
N ASN A 258 12.07 -0.75 28.60
CA ASN A 258 12.55 0.31 29.48
C ASN A 258 11.64 0.40 30.73
N GLU A 259 11.96 -0.37 31.77
CA GLU A 259 11.10 -0.38 32.95
C GLU A 259 11.08 1.00 33.64
N LYS A 260 12.22 1.70 33.68
CA LYS A 260 12.27 2.99 34.37
C LYS A 260 11.29 4.00 33.74
N GLU A 261 11.23 4.06 32.41
CA GLU A 261 10.34 5.00 31.73
C GLU A 261 8.87 4.59 31.86
N VAL A 262 8.59 3.27 31.86
CA VAL A 262 7.22 2.82 32.03
C VAL A 262 6.70 3.28 33.39
N VAL A 263 7.50 3.03 34.44
CA VAL A 263 7.03 3.31 35.80
C VAL A 263 6.88 4.83 35.97
N ALA A 264 7.77 5.60 35.34
CA ALA A 264 7.72 7.05 35.30
C ALA A 264 6.43 7.54 34.65
N PHE A 265 5.87 6.78 33.70
CA PHE A 265 4.64 7.19 33.03
C PHE A 265 3.42 6.91 33.91
N GLY A 266 3.59 6.12 34.97
CA GLY A 266 2.49 5.81 35.87
C GLY A 266 1.97 4.39 35.71
N ILE A 267 2.69 3.55 34.95
CA ILE A 267 2.26 2.17 34.77
C ILE A 267 3.03 1.33 35.79
N ASP A 268 2.30 0.42 36.44
CA ASP A 268 2.88 -0.48 37.42
CA ASP A 268 2.89 -0.48 37.43
C ASP A 268 3.80 -1.49 36.73
N ALA A 269 4.96 -1.75 37.36
CA ALA A 269 5.96 -2.68 36.82
C ALA A 269 5.40 -4.10 36.67
N LYS A 270 4.40 -4.48 37.48
CA LYS A 270 3.73 -5.75 37.42
C LYS A 270 2.96 -5.86 36.08
N ASN A 271 2.67 -4.71 35.46
CA ASN A 271 1.88 -4.69 34.22
C ASN A 271 2.78 -4.38 33.05
N MET A 272 4.10 -4.56 33.21
CA MET A 272 5.03 -4.44 32.09
C MET A 272 5.40 -5.84 31.58
N PHE A 273 5.32 -5.97 30.25
CA PHE A 273 5.74 -7.15 29.53
C PHE A 273 7.01 -6.80 28.76
N GLY A 274 8.15 -7.37 29.18
CA GLY A 274 9.42 -6.87 28.71
C GLY A 274 9.95 -7.66 27.53
N PHE A 275 10.91 -7.00 26.90
CA PHE A 275 11.74 -7.63 25.91
C PHE A 275 13.08 -6.93 25.93
N GLU A 276 13.98 -7.39 25.06
CA GLU A 276 15.36 -6.93 25.08
C GLU A 276 15.74 -6.17 23.80
N SER A 277 16.89 -5.47 23.94
CA SER A 277 17.49 -4.63 22.91
CA SER A 277 17.43 -4.61 22.89
C SER A 277 17.68 -5.37 21.59
N TRP A 278 17.88 -6.70 21.66
CA TRP A 278 18.17 -7.52 20.51
C TRP A 278 16.94 -7.89 19.66
N VAL A 279 15.77 -7.37 20.02
CA VAL A 279 14.56 -7.46 19.24
C VAL A 279 14.41 -6.17 18.46
N GLY A 280 14.60 -6.19 17.15
CA GLY A 280 14.31 -4.98 16.40
C GLY A 280 12.80 -4.80 16.20
N GLY A 281 12.35 -3.53 16.12
CA GLY A 281 10.93 -3.26 16.08
C GLY A 281 10.22 -4.01 14.96
N ARG A 282 10.87 -4.13 13.80
CA ARG A 282 10.23 -4.71 12.63
C ARG A 282 10.30 -6.24 12.66
N TYR A 283 10.91 -6.79 13.74
CA TYR A 283 11.00 -8.20 14.03
C TYR A 283 10.39 -8.53 15.38
N SER A 284 9.50 -7.65 15.87
CA SER A 284 9.12 -7.66 17.29
C SER A 284 7.78 -8.32 17.56
N VAL A 285 6.94 -8.66 16.55
CA VAL A 285 5.58 -9.15 16.84
C VAL A 285 5.62 -10.47 17.63
N TRP A 286 6.74 -11.18 17.56
CA TRP A 286 6.99 -12.42 18.30
C TRP A 286 7.17 -12.26 19.81
N SER A 287 7.51 -11.03 20.26
CA SER A 287 7.80 -10.70 21.65
C SER A 287 6.52 -10.33 22.41
N ALA A 288 6.76 -9.64 23.53
CA ALA A 288 5.72 -8.93 24.29
C ALA A 288 4.88 -8.03 23.37
N ILE A 289 5.46 -7.51 22.28
CA ILE A 289 4.72 -6.62 21.39
C ILE A 289 3.47 -7.32 20.82
N GLY A 290 3.52 -8.64 20.71
CA GLY A 290 2.40 -9.43 20.23
C GLY A 290 1.28 -9.69 21.25
N LEU A 291 1.34 -9.08 22.44
CA LEU A 291 0.30 -9.32 23.46
C LEU A 291 -1.12 -9.09 22.95
N SER A 292 -1.39 -8.05 22.12
CA SER A 292 -2.72 -7.84 21.57
C SER A 292 -3.18 -9.06 20.78
N VAL A 293 -2.24 -9.74 20.11
CA VAL A 293 -2.57 -10.93 19.34
C VAL A 293 -3.01 -12.05 20.28
N ALA A 294 -2.24 -12.31 21.33
CA ALA A 294 -2.58 -13.34 22.30
C ALA A 294 -3.91 -13.03 22.98
N ILE A 295 -4.22 -11.74 23.19
CA ILE A 295 -5.51 -11.43 23.82
C ILE A 295 -6.64 -11.70 22.81
N TYR A 296 -6.40 -11.34 21.56
CA TYR A 296 -7.48 -11.37 20.58
C TYR A 296 -7.84 -12.80 20.19
N ILE A 297 -6.84 -13.67 20.01
CA ILE A 297 -7.06 -15.02 19.47
C ILE A 297 -6.69 -16.10 20.50
N GLY A 298 -6.20 -15.71 21.69
CA GLY A 298 -5.81 -16.69 22.70
C GLY A 298 -4.34 -17.07 22.60
N PHE A 299 -3.75 -17.32 23.76
CA PHE A 299 -2.31 -17.53 23.80
C PHE A 299 -1.93 -18.80 23.04
N GLU A 300 -2.75 -19.85 23.08
CA GLU A 300 -2.39 -21.09 22.38
C GLU A 300 -2.24 -20.87 20.86
N ASN A 301 -3.11 -20.04 20.27
CA ASN A 301 -2.98 -19.68 18.85
C ASN A 301 -1.70 -18.87 18.61
N PHE A 302 -1.45 -17.90 19.49
CA PHE A 302 -0.22 -17.11 19.44
C PHE A 302 1.00 -18.04 19.52
N ASN A 303 0.99 -18.99 20.47
CA ASN A 303 2.06 -19.96 20.57
C ASN A 303 2.25 -20.81 19.30
N ASP A 304 1.14 -21.16 18.63
CA ASP A 304 1.18 -21.86 17.36
C ASP A 304 1.85 -21.01 16.28
N PHE A 305 1.55 -19.69 16.30
CA PHE A 305 2.21 -18.78 15.39
C PHE A 305 3.71 -18.75 15.63
N LEU A 306 4.14 -18.56 16.88
CA LEU A 306 5.57 -18.69 17.22
C LEU A 306 6.15 -20.01 16.69
N LYS A 307 5.50 -21.13 16.97
CA LYS A 307 6.02 -22.43 16.53
C LYS A 307 6.15 -22.53 15.00
N GLY A 308 5.29 -21.81 14.24
CA GLY A 308 5.48 -21.74 12.81
C GLY A 308 6.75 -21.03 12.41
N ALA A 309 7.04 -19.92 13.11
CA ALA A 309 8.27 -19.22 12.82
C ALA A 309 9.46 -20.13 13.14
N GLU A 310 9.41 -20.83 14.30
CA GLU A 310 10.51 -21.66 14.76
C GLU A 310 10.85 -22.77 13.76
N ALA A 311 9.79 -23.36 13.15
CA ALA A 311 9.97 -24.41 12.16
C ALA A 311 10.66 -23.87 10.91
N MET A 312 10.31 -22.62 10.49
CA MET A 312 10.94 -22.01 9.32
C MET A 312 12.37 -21.61 9.64
N ASP A 313 12.61 -21.16 10.87
CA ASP A 313 13.97 -20.90 11.38
C ASP A 313 14.82 -22.16 11.27
N GLN A 314 14.25 -23.29 11.67
CA GLN A 314 15.03 -24.54 11.59
C GLN A 314 15.31 -24.93 10.14
N HIS A 315 14.32 -24.73 9.27
CA HIS A 315 14.57 -24.93 7.86
C HIS A 315 15.71 -24.06 7.37
N PHE A 316 15.67 -22.75 7.69
CA PHE A 316 16.71 -21.82 7.25
C PHE A 316 18.09 -22.25 7.76
N LEU A 317 18.16 -22.65 9.01
CA LEU A 317 19.42 -22.97 9.66
C LEU A 317 20.07 -24.25 9.13
N THR A 318 19.25 -25.23 8.74
CA THR A 318 19.75 -26.59 8.53
C THR A 318 19.80 -27.04 7.06
N THR A 319 19.33 -26.24 6.13
CA THR A 319 19.14 -26.70 4.75
C THR A 319 20.27 -26.14 3.89
N PRO A 320 20.97 -27.00 3.10
CA PRO A 320 21.93 -26.49 2.13
C PRO A 320 21.29 -25.41 1.26
N LEU A 321 22.11 -24.43 0.87
CA LEU A 321 21.58 -23.23 0.22
C LEU A 321 20.69 -23.53 -0.99
N GLU A 322 21.04 -24.56 -1.78
CA GLU A 322 20.38 -24.82 -3.05
C GLU A 322 18.94 -25.30 -2.87
N ASN A 323 18.56 -25.69 -1.65
CA ASN A 323 17.24 -26.14 -1.33
C ASN A 323 16.57 -25.38 -0.23
N ASN A 324 17.17 -24.25 0.16
CA ASN A 324 16.79 -23.45 1.30
C ASN A 324 15.85 -22.34 0.80
N ILE A 325 14.57 -22.46 1.14
CA ILE A 325 13.47 -21.72 0.51
C ILE A 325 13.64 -20.21 0.68
N PRO A 326 13.86 -19.65 1.91
CA PRO A 326 14.11 -18.22 2.07
C PRO A 326 15.35 -17.74 1.31
N VAL A 327 16.38 -18.57 1.26
CA VAL A 327 17.58 -18.19 0.51
C VAL A 327 17.23 -18.09 -0.98
N ILE A 328 16.52 -19.07 -1.52
CA ILE A 328 16.19 -19.02 -2.95
C ILE A 328 15.42 -17.76 -3.28
N GLY A 329 14.41 -17.44 -2.47
CA GLY A 329 13.71 -16.17 -2.67
C GLY A 329 14.65 -14.95 -2.62
N GLY A 330 15.65 -14.95 -1.71
CA GLY A 330 16.50 -13.78 -1.60
C GLY A 330 17.47 -13.70 -2.79
N LEU A 331 17.86 -14.85 -3.28
CA LEU A 331 18.74 -14.90 -4.45
C LEU A 331 18.01 -14.36 -5.69
N LEU A 332 16.75 -14.72 -5.89
CA LEU A 332 15.96 -14.18 -7.00
C LEU A 332 15.85 -12.67 -6.88
N SER A 333 15.60 -12.18 -5.67
CA SER A 333 15.52 -10.74 -5.46
C SER A 333 16.78 -10.02 -5.93
N VAL A 334 17.95 -10.52 -5.49
CA VAL A 334 19.25 -9.96 -5.92
C VAL A 334 19.36 -10.00 -7.45
N TRP A 335 19.05 -11.16 -8.06
CA TRP A 335 19.01 -11.28 -9.51
C TRP A 335 18.21 -10.19 -10.19
N TYR A 336 16.96 -9.96 -9.74
CA TYR A 336 16.13 -8.95 -10.36
C TYR A 336 16.61 -7.53 -10.04
N ASN A 337 16.95 -7.25 -8.78
CA ASN A 337 17.37 -5.91 -8.33
C ASN A 337 18.65 -5.47 -9.03
N ASN A 338 19.65 -6.39 -9.02
CA ASN A 338 21.01 -6.04 -9.34
C ASN A 338 21.42 -6.37 -10.75
N PHE A 339 20.66 -7.23 -11.47
CA PHE A 339 21.08 -7.60 -12.80
C PHE A 339 20.03 -7.17 -13.81
N PHE A 340 18.74 -7.29 -13.49
CA PHE A 340 17.71 -6.73 -14.35
C PHE A 340 17.42 -5.25 -14.07
N GLY A 341 17.78 -4.75 -12.90
CA GLY A 341 17.50 -3.36 -12.54
C GLY A 341 16.03 -3.11 -12.19
N ALA A 342 15.25 -4.14 -11.82
CA ALA A 342 13.90 -3.95 -11.31
C ALA A 342 13.98 -3.35 -9.91
N GLN A 343 13.29 -2.24 -9.67
CA GLN A 343 13.43 -1.52 -8.42
CA GLN A 343 13.43 -1.53 -8.42
C GLN A 343 12.39 -2.01 -7.40
N THR A 344 11.35 -2.72 -7.86
CA THR A 344 10.22 -3.07 -6.97
C THR A 344 10.06 -4.60 -6.80
N HIS A 345 9.22 -4.97 -5.84
CA HIS A 345 8.87 -6.31 -5.48
C HIS A 345 7.43 -6.20 -5.01
N LEU A 346 6.57 -6.91 -5.75
CA LEU A 346 5.15 -6.89 -5.50
C LEU A 346 4.76 -8.14 -4.70
N VAL A 347 3.95 -7.94 -3.63
CA VAL A 347 3.44 -9.07 -2.87
C VAL A 347 1.93 -8.96 -2.83
N VAL A 348 1.27 -10.00 -3.37
CA VAL A 348 -0.20 -10.02 -3.49
C VAL A 348 -0.76 -11.28 -2.85
N PRO A 349 -1.36 -11.13 -1.67
CA PRO A 349 -2.10 -12.23 -1.09
C PRO A 349 -3.50 -12.35 -1.71
N PHE A 350 -3.87 -13.51 -2.21
CA PHE A 350 -5.22 -13.80 -2.71
C PHE A 350 -6.01 -14.24 -1.47
N ASP A 351 -6.21 -13.25 -0.61
CA ASP A 351 -6.66 -13.49 0.75
C ASP A 351 -6.97 -12.17 1.38
N GLN A 352 -8.25 -11.93 1.74
CA GLN A 352 -8.62 -10.64 2.29
C GLN A 352 -8.13 -10.45 3.75
N TYR A 353 -8.14 -11.54 4.56
CA TYR A 353 -7.56 -11.45 5.89
C TYR A 353 -6.14 -10.90 5.88
N LEU A 354 -5.39 -11.26 4.83
CA LEU A 354 -4.00 -10.81 4.71
CA LEU A 354 -4.01 -10.80 4.76
C LEU A 354 -3.88 -9.42 4.08
N HIS A 355 -4.91 -8.59 4.14
CA HIS A 355 -4.89 -7.29 3.44
C HIS A 355 -3.76 -6.36 3.91
N ARG A 356 -3.26 -6.55 5.14
CA ARG A 356 -2.18 -5.71 5.64
C ARG A 356 -0.81 -6.41 5.63
N PHE A 357 -0.72 -7.59 4.98
CA PHE A 357 0.50 -8.36 4.86
C PHE A 357 1.52 -7.59 4.01
N PRO A 358 1.14 -7.02 2.83
CA PRO A 358 2.13 -6.22 2.09
C PRO A 358 2.70 -5.06 2.91
N ALA A 359 1.86 -4.34 3.65
CA ALA A 359 2.35 -3.14 4.33
C ALA A 359 3.36 -3.60 5.40
N TYR A 360 3.04 -4.70 6.06
CA TYR A 360 3.95 -5.20 7.07
C TYR A 360 5.30 -5.53 6.44
N LEU A 361 5.26 -6.33 5.38
CA LEU A 361 6.49 -6.68 4.69
C LEU A 361 7.26 -5.46 4.20
N GLN A 362 6.54 -4.41 3.78
CA GLN A 362 7.17 -3.18 3.30
C GLN A 362 8.13 -2.63 4.37
N GLN A 363 7.67 -2.60 5.62
CA GLN A 363 8.50 -2.21 6.72
C GLN A 363 9.67 -3.19 6.89
N LEU A 364 9.37 -4.50 7.03
CA LEU A 364 10.43 -5.49 7.29
C LEU A 364 11.54 -5.34 6.25
N SER A 365 11.11 -5.29 4.98
CA SER A 365 12.03 -5.30 3.85
C SER A 365 12.80 -3.99 3.74
N MET A 366 12.05 -2.91 3.58
CA MET A 366 12.68 -1.64 3.18
C MET A 366 13.49 -1.03 4.33
N GLU A 367 12.99 -1.08 5.55
CA GLU A 367 13.71 -0.60 6.72
C GLU A 367 14.98 -1.44 7.00
N SER A 368 14.92 -2.75 6.71
CA SER A 368 16.11 -3.61 6.86
C SER A 368 17.14 -3.22 5.80
N ASN A 369 16.71 -3.18 4.53
CA ASN A 369 17.70 -3.24 3.45
C ASN A 369 17.87 -1.94 2.68
N GLY A 370 17.19 -0.86 3.09
CA GLY A 370 17.45 0.47 2.53
C GLY A 370 18.67 1.11 3.18
N LYS A 371 19.86 0.71 2.72
CA LYS A 371 21.13 1.11 3.28
C LYS A 371 22.10 1.34 2.12
N SER A 372 23.10 2.16 2.38
CA SER A 372 24.07 2.52 1.35
C SER A 372 25.49 2.23 1.76
N VAL A 373 25.68 1.67 2.95
CA VAL A 373 26.99 1.45 3.57
C VAL A 373 27.10 -0.02 4.00
N THR A 374 28.26 -0.60 3.67
CA THR A 374 28.52 -2.01 3.96
C THR A 374 29.15 -2.23 5.35
N ARG A 375 29.25 -3.51 5.72
CA ARG A 375 29.92 -3.96 6.94
C ARG A 375 31.41 -3.65 6.96
N ALA A 376 31.98 -3.28 5.80
CA ALA A 376 33.36 -2.83 5.75
C ALA A 376 33.44 -1.31 5.84
N ASN A 377 32.28 -0.67 6.07
CA ASN A 377 32.17 0.77 6.33
C ASN A 377 32.60 1.58 5.11
N VAL A 378 32.22 1.11 3.92
CA VAL A 378 32.36 1.84 2.69
C VAL A 378 31.00 1.91 1.98
N PHE A 379 30.86 2.89 1.12
CA PHE A 379 29.65 3.08 0.38
C PHE A 379 29.60 2.02 -0.72
N THR A 380 28.39 1.53 -0.96
CA THR A 380 28.13 0.60 -2.06
C THR A 380 28.23 1.29 -3.41
N ASN A 381 28.57 0.49 -4.44
CA ASN A 381 28.49 0.91 -5.83
C ASN A 381 27.48 0.00 -6.57
N TYR A 382 26.34 -0.28 -5.91
CA TYR A 382 25.36 -1.16 -6.45
C TYR A 382 24.09 -0.98 -5.64
N GLN A 383 22.96 -1.40 -6.23
CA GLN A 383 21.68 -1.27 -5.58
C GLN A 383 21.58 -2.19 -4.38
N THR A 384 20.85 -1.68 -3.37
CA THR A 384 20.44 -2.48 -2.22
C THR A 384 18.94 -2.63 -2.24
N GLY A 385 18.29 -2.41 -1.09
CA GLY A 385 16.90 -2.80 -0.93
C GLY A 385 15.96 -2.35 -2.05
N THR A 386 15.02 -3.26 -2.39
CA THR A 386 13.93 -2.97 -3.32
CA THR A 386 13.91 -3.04 -3.30
C THR A 386 12.77 -2.30 -2.62
N ILE A 387 11.91 -1.67 -3.41
CA ILE A 387 10.70 -1.04 -2.94
C ILE A 387 9.61 -2.10 -3.01
N LEU A 388 9.05 -2.45 -1.86
CA LEU A 388 8.06 -3.54 -1.77
C LEU A 388 6.70 -2.88 -1.63
N PHE A 389 5.76 -3.38 -2.41
CA PHE A 389 4.40 -2.84 -2.36
C PHE A 389 3.41 -3.98 -2.66
N GLY A 390 2.10 -3.70 -2.43
CA GLY A 390 1.05 -4.60 -2.85
C GLY A 390 -0.28 -4.35 -2.13
N GLU A 391 -1.29 -5.09 -2.59
CA GLU A 391 -2.63 -5.12 -1.98
C GLU A 391 -3.11 -6.54 -2.17
N PRO A 392 -4.17 -6.99 -1.47
CA PRO A 392 -4.71 -8.29 -1.68
C PRO A 392 -5.36 -8.36 -3.02
N ALA A 393 -5.41 -9.59 -3.58
CA ALA A 393 -6.24 -9.92 -4.74
C ALA A 393 -7.54 -10.56 -4.24
N THR A 394 -8.65 -10.34 -4.96
CA THR A 394 -8.71 -9.81 -6.31
C THR A 394 -8.71 -8.29 -6.38
N ASN A 395 -8.72 -7.51 -5.27
CA ASN A 395 -8.74 -6.03 -5.34
C ASN A 395 -7.59 -5.53 -6.20
N ALA A 396 -6.38 -6.07 -5.97
CA ALA A 396 -5.17 -5.65 -6.70
C ALA A 396 -5.29 -5.83 -8.19
N GLN A 397 -5.93 -6.92 -8.67
CA GLN A 397 -6.15 -7.16 -10.09
C GLN A 397 -6.92 -6.03 -10.74
N HIS A 398 -7.87 -5.46 -9.98
CA HIS A 398 -8.80 -4.47 -10.52
C HIS A 398 -8.30 -3.06 -10.17
N SER A 399 -7.09 -2.98 -9.61
CA SER A 399 -6.45 -1.71 -9.32
CA SER A 399 -6.45 -1.72 -9.31
C SER A 399 -5.33 -1.41 -10.31
N PHE A 400 -4.26 -2.21 -10.27
CA PHE A 400 -3.00 -1.82 -10.92
C PHE A 400 -2.38 -2.94 -11.71
N PHE A 401 -3.03 -4.11 -11.79
CA PHE A 401 -2.51 -5.18 -12.60
C PHE A 401 -2.50 -4.86 -14.10
N GLN A 402 -3.27 -3.85 -14.54
CA GLN A 402 -3.09 -3.37 -15.90
C GLN A 402 -1.61 -3.10 -16.16
N LEU A 403 -0.94 -2.36 -15.26
CA LEU A 403 0.44 -2.01 -15.51
C LEU A 403 1.37 -3.25 -15.35
N VAL A 404 1.05 -4.15 -14.44
CA VAL A 404 1.84 -5.37 -14.26
C VAL A 404 1.84 -6.17 -15.56
N HIS A 405 0.70 -6.18 -16.29
CA HIS A 405 0.55 -6.94 -17.55
C HIS A 405 1.11 -6.23 -18.77
N GLN A 406 0.84 -4.91 -18.91
CA GLN A 406 1.10 -4.23 -20.17
C GLN A 406 1.97 -2.97 -20.05
N GLY A 407 2.54 -2.67 -18.87
CA GLY A 407 3.43 -1.53 -18.73
C GLY A 407 4.85 -1.89 -19.13
N THR A 408 5.78 -0.97 -18.80
CA THR A 408 7.12 -1.04 -19.34
C THR A 408 8.11 -1.42 -18.25
N LYS A 409 7.61 -1.81 -17.09
CA LYS A 409 8.42 -2.10 -15.93
C LYS A 409 8.36 -3.57 -15.53
N LEU A 410 9.53 -4.17 -15.25
CA LEU A 410 9.64 -5.51 -14.71
C LEU A 410 9.35 -5.41 -13.21
N ILE A 411 8.34 -6.17 -12.77
CA ILE A 411 7.84 -6.16 -11.40
C ILE A 411 7.76 -7.62 -10.93
N PRO A 412 8.84 -8.15 -10.33
CA PRO A 412 8.83 -9.49 -9.73
C PRO A 412 7.68 -9.53 -8.70
N ALA A 413 6.88 -10.59 -8.74
CA ALA A 413 5.68 -10.66 -7.92
C ALA A 413 5.60 -11.99 -7.18
N ASP A 414 5.12 -11.92 -5.93
CA ASP A 414 4.82 -13.09 -5.14
C ASP A 414 3.31 -13.10 -4.90
N PHE A 415 2.66 -14.19 -5.35
CA PHE A 415 1.26 -14.43 -5.11
C PHE A 415 1.09 -15.53 -4.03
N ILE A 416 0.10 -15.39 -3.15
CA ILE A 416 -0.08 -16.26 -2.00
C ILE A 416 -1.56 -16.65 -1.95
N LEU A 417 -1.84 -17.95 -1.90
CA LEU A 417 -3.22 -18.43 -1.73
C LEU A 417 -3.28 -19.54 -0.70
N ALA A 418 -4.37 -19.60 0.08
CA ALA A 418 -4.72 -20.79 0.86
C ALA A 418 -5.68 -21.68 0.07
N ALA A 419 -5.43 -22.99 0.06
CA ALA A 419 -6.33 -23.93 -0.60
C ALA A 419 -7.73 -23.97 0.07
N GLN A 420 -7.75 -23.80 1.37
CA GLN A 420 -8.96 -23.83 2.18
C GLN A 420 -9.17 -22.49 2.88
N SER A 421 -10.41 -22.00 2.75
CA SER A 421 -10.86 -20.75 3.34
C SER A 421 -11.39 -20.99 4.74
N HIS A 422 -11.18 -20.01 5.62
CA HIS A 422 -11.90 -19.98 6.88
C HIS A 422 -13.39 -19.68 6.74
N ASN A 423 -13.80 -19.17 5.57
CA ASN A 423 -15.17 -18.74 5.33
C ASN A 423 -15.67 -19.33 4.01
N PRO A 424 -15.80 -20.69 3.88
CA PRO A 424 -16.17 -21.34 2.61
C PRO A 424 -17.65 -21.26 2.27
N ILE A 425 -18.13 -20.03 2.19
CA ILE A 425 -19.55 -19.77 2.02
C ILE A 425 -20.04 -20.26 0.67
N GLU A 426 -21.36 -20.50 0.60
CA GLU A 426 -21.99 -20.93 -0.65
C GLU A 426 -21.22 -22.14 -1.21
N LYS A 427 -20.96 -23.12 -0.34
CA LYS A 427 -20.39 -24.40 -0.74
C LYS A 427 -19.11 -24.14 -1.55
N ASN A 428 -18.31 -23.19 -1.05
CA ASN A 428 -16.97 -22.92 -1.55
C ASN A 428 -16.94 -22.22 -2.92
N LEU A 429 -18.08 -21.72 -3.40
CA LEU A 429 -18.14 -21.00 -4.68
C LEU A 429 -17.14 -19.85 -4.73
N HIS A 430 -17.10 -19.00 -3.69
CA HIS A 430 -16.18 -17.85 -3.66
C HIS A 430 -14.73 -18.32 -3.74
N GLN A 431 -14.42 -19.35 -2.96
CA GLN A 431 -13.08 -19.87 -2.82
C GLN A 431 -12.59 -20.40 -4.15
N ARG A 432 -13.44 -21.13 -4.91
CA ARG A 432 -13.01 -21.63 -6.22
C ARG A 432 -12.76 -20.45 -7.17
N MET A 433 -13.62 -19.43 -7.14
CA MET A 433 -13.41 -18.24 -7.94
C MET A 433 -12.11 -17.53 -7.57
N LEU A 434 -11.87 -17.36 -6.27
CA LEU A 434 -10.62 -16.72 -5.82
C LEU A 434 -9.41 -17.52 -6.31
N ALA A 435 -9.47 -18.85 -6.18
CA ALA A 435 -8.35 -19.68 -6.55
C ALA A 435 -8.11 -19.58 -8.06
N SER A 436 -9.17 -19.63 -8.89
CA SER A 436 -9.06 -19.53 -10.35
C SER A 436 -8.26 -18.31 -10.77
N ASN A 437 -8.40 -17.19 -10.02
CA ASN A 437 -7.72 -15.95 -10.30
C ASN A 437 -6.23 -16.11 -9.97
N PHE A 438 -5.94 -16.72 -8.81
CA PHE A 438 -4.57 -16.97 -8.38
C PHE A 438 -3.80 -17.70 -9.46
N PHE A 439 -4.37 -18.79 -9.97
CA PHE A 439 -3.68 -19.59 -10.98
C PHE A 439 -3.63 -18.84 -12.31
N ALA A 440 -4.73 -18.21 -12.72
CA ALA A 440 -4.81 -17.56 -14.03
C ALA A 440 -3.90 -16.34 -14.15
N GLN A 441 -3.75 -15.57 -13.07
CA GLN A 441 -2.94 -14.34 -13.15
C GLN A 441 -1.48 -14.72 -13.39
N SER A 442 -0.97 -15.76 -12.71
CA SER A 442 0.42 -16.13 -12.91
C SER A 442 0.60 -16.78 -14.26
N GLU A 443 -0.40 -17.56 -14.69
CA GLU A 443 -0.39 -18.11 -16.03
C GLU A 443 -0.33 -17.02 -17.08
N ALA A 444 -1.23 -16.04 -16.95
CA ALA A 444 -1.31 -14.93 -17.91
C ALA A 444 0.02 -14.18 -18.02
N LEU A 445 0.63 -13.87 -16.86
CA LEU A 445 1.87 -13.10 -16.84
C LEU A 445 2.98 -13.85 -17.55
N MET A 446 2.95 -15.18 -17.53
CA MET A 446 3.95 -15.97 -18.20
CA MET A 446 3.98 -15.93 -18.21
C MET A 446 3.65 -16.11 -19.70
N VAL A 447 2.43 -16.53 -20.03
CA VAL A 447 2.13 -16.90 -21.43
C VAL A 447 1.97 -15.72 -22.37
N GLY A 448 1.42 -14.62 -21.87
CA GLY A 448 1.16 -13.48 -22.72
C GLY A 448 0.20 -13.83 -23.87
N LYS A 449 0.26 -12.97 -24.90
CA LYS A 449 -0.59 -13.10 -26.06
CA LYS A 449 -0.61 -13.07 -26.05
C LYS A 449 0.05 -12.33 -27.20
N ASP A 450 0.49 -13.08 -28.20
CA ASP A 450 1.24 -12.50 -29.26
C ASP A 450 0.32 -11.86 -30.32
N GLU A 451 0.99 -11.23 -31.29
CA GLU A 451 0.30 -10.49 -32.35
C GLU A 451 -0.63 -11.41 -33.13
N ALA A 452 -0.16 -12.62 -33.47
CA ALA A 452 -0.96 -13.54 -34.28
C ALA A 452 -2.24 -13.94 -33.55
N LYS A 453 -2.14 -14.18 -32.25
CA LYS A 453 -3.32 -14.54 -31.48
C LYS A 453 -4.28 -13.36 -31.33
N VAL A 454 -3.78 -12.13 -31.15
CA VAL A 454 -4.66 -10.97 -31.13
C VAL A 454 -5.42 -10.84 -32.45
N LYS A 455 -4.74 -11.00 -33.57
CA LYS A 455 -5.45 -11.02 -34.85
C LYS A 455 -6.47 -12.16 -35.00
N ALA A 456 -6.11 -13.35 -34.53
CA ALA A 456 -7.04 -14.47 -34.59
C ALA A 456 -8.30 -14.19 -33.77
N GLU A 457 -8.17 -13.39 -32.73
CA GLU A 457 -9.28 -13.08 -31.83
C GLU A 457 -10.11 -11.89 -32.32
N GLY A 458 -9.71 -11.29 -33.46
CA GLY A 458 -10.57 -10.40 -34.22
C GLY A 458 -10.09 -8.97 -34.38
N ALA A 459 -8.96 -8.56 -33.79
CA ALA A 459 -8.50 -7.18 -33.89
C ALA A 459 -7.82 -7.00 -35.24
N THR A 460 -8.02 -5.83 -35.83
CA THR A 460 -7.37 -5.48 -37.08
C THR A 460 -6.69 -4.13 -36.97
N GLY A 461 -5.71 -3.94 -37.87
CA GLY A 461 -5.03 -2.69 -38.05
C GLY A 461 -4.37 -2.23 -36.76
N GLY A 462 -4.57 -0.95 -36.47
CA GLY A 462 -3.85 -0.32 -35.37
C GLY A 462 -4.29 -0.80 -33.99
N LEU A 463 -5.45 -1.44 -33.87
CA LEU A 463 -5.92 -1.88 -32.57
C LEU A 463 -5.04 -3.03 -32.04
N VAL A 464 -4.42 -3.79 -32.96
CA VAL A 464 -3.77 -5.04 -32.62
C VAL A 464 -2.73 -4.85 -31.50
N PRO A 465 -1.68 -3.99 -31.61
CA PRO A 465 -0.65 -3.91 -30.57
C PRO A 465 -1.16 -3.60 -29.17
N HIS A 466 -2.26 -2.87 -29.10
CA HIS A 466 -2.85 -2.48 -27.84
C HIS A 466 -3.36 -3.66 -27.03
N LYS A 467 -3.67 -4.76 -27.73
CA LYS A 467 -4.23 -5.96 -27.12
C LYS A 467 -3.18 -7.04 -26.88
N GLU A 468 -1.93 -6.83 -27.29
CA GLU A 468 -0.85 -7.80 -27.04
C GLU A 468 -0.41 -7.75 -25.58
N PHE A 469 0.08 -8.90 -25.15
CA PHE A 469 0.72 -9.08 -23.85
C PHE A 469 2.07 -9.78 -24.04
N SER A 470 3.13 -9.17 -23.51
CA SER A 470 4.49 -9.68 -23.72
C SER A 470 4.66 -11.08 -23.14
N GLY A 471 3.99 -11.36 -22.01
CA GLY A 471 4.31 -12.53 -21.25
C GLY A 471 5.78 -12.47 -20.80
N ASN A 472 6.26 -13.60 -20.31
CA ASN A 472 7.56 -13.70 -19.69
C ASN A 472 7.76 -12.72 -18.56
N ARG A 473 6.67 -12.48 -17.82
CA ARG A 473 6.73 -11.64 -16.65
C ARG A 473 6.70 -12.58 -15.45
N PRO A 474 7.69 -12.50 -14.56
CA PRO A 474 7.90 -13.57 -13.56
C PRO A 474 6.97 -13.42 -12.35
N THR A 475 6.63 -14.55 -11.77
CA THR A 475 5.91 -14.66 -10.52
C THR A 475 6.52 -15.82 -9.75
N THR A 476 6.35 -15.72 -8.42
CA THR A 476 6.48 -16.78 -7.45
C THR A 476 5.10 -17.07 -6.88
N SER A 477 4.69 -18.34 -6.88
CA SER A 477 3.40 -18.70 -6.30
C SER A 477 3.64 -19.48 -5.00
N ILE A 478 2.92 -19.10 -3.97
CA ILE A 478 3.00 -19.71 -2.66
C ILE A 478 1.62 -20.19 -2.29
N LEU A 479 1.48 -21.53 -2.25
CA LEU A 479 0.19 -22.14 -1.96
C LEU A 479 0.24 -22.83 -0.62
N ALA A 480 -0.57 -22.34 0.34
CA ALA A 480 -0.68 -22.97 1.63
C ALA A 480 -1.93 -23.85 1.64
N GLN A 481 -1.98 -24.82 2.53
CA GLN A 481 -3.21 -25.53 2.83
C GLN A 481 -4.29 -24.57 3.38
N LYS A 482 -3.90 -23.79 4.38
CA LYS A 482 -4.81 -22.96 5.11
C LYS A 482 -3.96 -21.94 5.87
N ILE A 483 -4.39 -20.66 5.96
CA ILE A 483 -3.64 -19.64 6.68
CA ILE A 483 -3.60 -19.68 6.68
C ILE A 483 -4.04 -19.72 8.15
N THR A 484 -3.48 -20.72 8.83
CA THR A 484 -3.57 -20.86 10.26
C THR A 484 -2.52 -20.00 10.95
N PRO A 485 -2.58 -19.83 12.28
CA PRO A 485 -1.49 -19.17 13.05
C PRO A 485 -0.10 -19.71 12.72
N ALA A 486 0.00 -21.01 12.60
CA ALA A 486 1.29 -21.60 12.26
C ALA A 486 1.75 -21.22 10.86
N THR A 487 0.85 -21.36 9.87
CA THR A 487 1.22 -21.00 8.50
C THR A 487 1.70 -19.56 8.44
N LEU A 488 0.98 -18.67 9.14
CA LEU A 488 1.33 -17.25 9.05
C LEU A 488 2.72 -17.04 9.67
N GLY A 489 3.00 -17.73 10.79
CA GLY A 489 4.30 -17.61 11.47
C GLY A 489 5.41 -18.04 10.51
N SER A 490 5.18 -19.14 9.76
CA SER A 490 6.15 -19.60 8.75
C SER A 490 6.32 -18.59 7.62
N LEU A 491 5.21 -18.02 7.14
CA LEU A 491 5.28 -17.06 6.03
C LEU A 491 6.06 -15.81 6.42
N ILE A 492 5.79 -15.30 7.62
CA ILE A 492 6.56 -14.11 8.02
C ILE A 492 8.05 -14.43 8.13
N ALA A 493 8.41 -15.53 8.80
CA ALA A 493 9.79 -15.95 8.94
C ALA A 493 10.42 -16.15 7.56
N TYR A 494 9.73 -16.75 6.59
CA TYR A 494 10.23 -16.81 5.22
C TYR A 494 10.74 -15.47 4.75
N TYR A 495 9.87 -14.43 4.85
CA TYR A 495 10.27 -13.11 4.42
C TYR A 495 11.37 -12.46 5.31
N GLU A 496 11.42 -12.77 6.60
CA GLU A 496 12.53 -12.35 7.47
C GLU A 496 13.86 -12.89 6.95
N HIS A 497 13.85 -14.19 6.60
CA HIS A 497 15.08 -14.86 6.20
C HIS A 497 15.44 -14.53 4.75
N LEU A 498 14.46 -14.26 3.88
CA LEU A 498 14.74 -13.70 2.56
C LEU A 498 15.46 -12.38 2.70
N THR A 499 14.91 -11.52 3.57
CA THR A 499 15.49 -10.20 3.88
C THR A 499 16.94 -10.33 4.40
N PHE A 500 17.17 -11.34 5.23
CA PHE A 500 18.51 -11.63 5.76
C PHE A 500 19.46 -11.97 4.62
N THR A 501 18.99 -12.87 3.72
CA THR A 501 19.82 -13.30 2.60
C THR A 501 20.22 -12.12 1.71
N GLU A 502 19.25 -11.29 1.29
CA GLU A 502 19.55 -10.10 0.51
C GLU A 502 20.63 -9.27 1.20
N GLY A 503 20.41 -8.94 2.46
CA GLY A 503 21.34 -8.07 3.18
C GLY A 503 22.75 -8.66 3.30
N ALA A 504 22.81 -9.99 3.45
CA ALA A 504 24.08 -10.68 3.60
C ALA A 504 24.87 -10.58 2.29
N ILE A 505 24.18 -10.83 1.17
CA ILE A 505 24.82 -10.65 -0.13
C ILE A 505 25.31 -9.23 -0.33
N TRP A 506 24.49 -8.24 -0.01
CA TRP A 506 24.83 -6.84 -0.23
C TRP A 506 25.85 -6.35 0.80
N ASN A 507 26.09 -7.18 1.83
CA ASN A 507 27.08 -6.84 2.86
C ASN A 507 26.64 -5.59 3.63
N ILE A 508 25.34 -5.41 3.79
CA ILE A 508 24.79 -4.33 4.61
C ILE A 508 24.33 -4.89 5.97
N ASN A 509 24.10 -3.97 6.90
CA ASN A 509 23.54 -4.26 8.21
C ASN A 509 22.03 -4.21 8.09
N SER A 510 21.33 -5.37 8.05
CA SER A 510 19.90 -5.36 7.87
C SER A 510 19.15 -4.99 9.16
N PHE A 511 19.87 -4.68 10.23
CA PHE A 511 19.27 -4.63 11.56
C PHE A 511 19.33 -3.25 12.25
N ASP A 512 20.00 -2.27 11.65
CA ASP A 512 19.96 -0.89 12.17
C ASP A 512 18.94 -0.09 11.33
N GLN A 513 18.77 1.20 11.72
CA GLN A 513 17.87 2.09 11.01
C GLN A 513 18.15 3.55 11.33
N TRP A 514 19.30 4.03 10.91
CA TRP A 514 19.75 5.35 11.29
C TRP A 514 18.88 6.45 10.65
N GLY A 515 18.15 6.22 9.52
CA GLY A 515 17.13 7.12 9.00
C GLY A 515 15.88 7.23 9.91
N VAL A 516 15.34 6.11 10.36
CA VAL A 516 14.20 6.14 11.31
C VAL A 516 14.65 6.74 12.65
N GLU A 517 15.87 6.46 13.08
CA GLU A 517 16.37 7.10 14.31
C GLU A 517 16.48 8.62 14.09
N LEU A 518 16.95 9.09 12.90
CA LEU A 518 17.03 10.53 12.71
C LEU A 518 15.63 11.06 12.83
N GLY A 519 14.65 10.36 12.19
CA GLY A 519 13.32 10.93 12.06
C GLY A 519 12.76 11.32 13.42
N LYS A 520 13.04 10.48 14.42
CA LYS A 520 12.53 10.64 15.77
C LYS A 520 13.20 11.80 16.52
N VAL A 521 14.23 12.44 15.96
CA VAL A 521 14.84 13.63 16.58
C VAL A 521 14.78 14.85 15.64
N LEU A 522 13.97 14.80 14.59
CA LEU A 522 13.98 15.88 13.60
C LEU A 522 12.96 16.98 13.91
N ALA A 523 11.84 16.61 14.48
CA ALA A 523 10.66 17.45 14.33
C ALA A 523 10.61 18.42 15.50
N LYS A 524 11.43 18.17 16.52
CA LYS A 524 11.31 18.87 17.77
C LYS A 524 11.74 20.33 17.60
N VAL A 525 12.76 20.63 16.78
CA VAL A 525 13.15 21.99 16.51
C VAL A 525 12.00 22.81 15.95
N ILE A 526 11.33 22.27 14.93
CA ILE A 526 10.26 22.98 14.28
C ILE A 526 9.06 23.02 15.23
N GLY A 527 8.85 21.98 15.99
CA GLY A 527 7.74 21.96 16.93
C GLY A 527 7.80 23.16 17.88
N LYS A 528 9.00 23.51 18.35
CA LYS A 528 9.15 24.67 19.22
C LYS A 528 8.79 25.94 18.45
N GLU A 529 9.19 26.02 17.19
CA GLU A 529 8.81 27.15 16.34
C GLU A 529 7.31 27.25 16.09
N LEU A 530 6.57 26.14 16.05
CA LEU A 530 5.12 26.20 15.87
C LEU A 530 4.41 26.59 17.17
N ASP A 531 5.07 26.40 18.32
CA ASP A 531 4.51 26.82 19.59
C ASP A 531 4.56 28.34 19.74
N ASP A 532 5.58 28.95 19.15
CA ASP A 532 5.78 30.39 19.15
C ASP A 532 4.99 31.02 18.01
N LYS A 533 4.58 32.28 18.21
CA LYS A 533 3.67 32.99 17.33
C LYS A 533 4.37 33.41 16.03
N LYS A 534 5.64 33.83 16.13
CA LYS A 534 6.29 34.60 15.07
C LYS A 534 6.64 33.72 13.86
N ALA A 535 6.81 34.41 12.73
CA ALA A 535 7.28 33.82 11.50
C ALA A 535 8.73 33.42 11.66
N VAL A 536 9.16 32.46 10.82
CA VAL A 536 10.49 31.93 10.97
C VAL A 536 11.28 32.11 9.69
N ALA A 537 12.60 32.22 9.87
CA ALA A 537 13.55 32.36 8.79
C ALA A 537 14.81 31.55 9.08
N THR A 538 14.69 30.51 9.90
CA THR A 538 15.83 29.75 10.38
C THR A 538 16.21 28.54 9.51
N HIS A 539 15.45 28.30 8.45
CA HIS A 539 15.65 27.18 7.55
C HIS A 539 15.88 27.66 6.11
N ASP A 540 15.98 26.68 5.17
CA ASP A 540 15.92 26.97 3.75
C ASP A 540 14.60 27.66 3.43
N ALA A 541 14.52 28.31 2.27
CA ALA A 541 13.37 29.16 1.93
C ALA A 541 12.11 28.32 1.79
N SER A 542 12.24 27.06 1.40
CA SER A 542 11.04 26.25 1.23
C SER A 542 10.45 25.95 2.59
N THR A 543 11.27 25.38 3.48
CA THR A 543 10.79 25.04 4.80
C THR A 543 10.22 26.30 5.46
N ASN A 544 10.94 27.44 5.35
CA ASN A 544 10.43 28.67 5.92
C ASN A 544 9.08 29.04 5.30
N GLY A 545 8.98 28.90 3.97
CA GLY A 545 7.76 29.31 3.27
C GLY A 545 6.58 28.44 3.69
N LEU A 546 6.81 27.14 3.80
CA LEU A 546 5.76 26.25 4.23
C LEU A 546 5.34 26.49 5.67
N ILE A 547 6.29 26.64 6.61
CA ILE A 547 5.95 26.92 7.98
C ILE A 547 5.14 28.23 8.05
N ASN A 548 5.58 29.25 7.33
CA ASN A 548 4.96 30.58 7.45
C ASN A 548 3.55 30.57 6.82
N GLN A 549 3.36 29.80 5.74
CA GLN A 549 2.03 29.66 5.16
C GLN A 549 1.11 28.91 6.13
N PHE A 550 1.66 27.87 6.74
CA PHE A 550 0.94 27.14 7.76
C PHE A 550 0.51 28.10 8.87
N LYS A 551 1.42 28.94 9.39
CA LYS A 551 1.07 29.83 10.49
C LYS A 551 -0.07 30.77 10.10
N GLU A 552 -0.12 31.19 8.84
CA GLU A 552 -1.19 32.07 8.36
C GLU A 552 -2.52 31.33 8.30
N TRP A 553 -2.50 29.99 8.11
CA TRP A 553 -3.69 29.20 7.88
C TRP A 553 -4.15 28.36 9.08
N GLU A 554 -3.40 28.37 10.18
CA GLU A 554 -3.70 27.46 11.27
C GLU A 554 -4.79 28.04 12.15
N GLU A 555 -5.30 27.19 13.06
CA GLU A 555 -6.22 27.64 14.10
C GLU A 555 -5.59 28.84 14.83
N SER B 5 -3.95 8.85 -38.74
CA SER B 5 -3.90 8.82 -37.25
C SER B 5 -4.38 10.16 -36.71
N MET B 6 -5.19 10.10 -35.64
CA MET B 6 -5.61 11.29 -34.95
C MET B 6 -4.41 11.93 -34.22
N ALA B 7 -3.32 11.14 -34.00
CA ALA B 7 -2.17 11.61 -33.23
C ALA B 7 -1.27 12.51 -34.08
N SER B 8 -0.68 13.55 -33.47
CA SER B 8 0.20 14.47 -34.21
C SER B 8 1.66 14.03 -34.23
N PHE B 9 2.01 13.00 -33.43
CA PHE B 9 3.35 12.43 -33.38
C PHE B 9 3.21 10.94 -33.03
N LYS B 10 4.28 10.17 -33.23
CA LYS B 10 4.24 8.73 -33.02
C LYS B 10 4.82 8.33 -31.65
N LEU B 11 6.04 8.76 -31.34
CA LEU B 11 6.77 8.39 -30.15
C LEU B 11 7.30 9.62 -29.44
N ALA B 12 7.34 9.62 -28.11
CA ALA B 12 7.92 10.72 -27.36
C ALA B 12 9.37 10.98 -27.77
N THR B 13 10.06 9.88 -28.08
CA THR B 13 11.46 9.96 -28.52
C THR B 13 11.60 10.65 -29.89
N ASP B 14 10.51 10.93 -30.59
CA ASP B 14 10.61 11.67 -31.85
C ASP B 14 10.64 13.18 -31.64
N LEU B 15 10.21 13.65 -30.45
CA LEU B 15 10.11 15.06 -30.20
C LEU B 15 11.51 15.62 -29.95
N PRO B 16 11.90 16.70 -30.64
CA PRO B 16 13.25 17.25 -30.50
C PRO B 16 13.68 17.60 -29.07
N GLU B 17 12.72 17.99 -28.19
CA GLU B 17 13.13 18.40 -26.87
C GLU B 17 13.55 17.18 -26.03
N TRP B 18 13.15 15.96 -26.43
CA TRP B 18 13.51 14.76 -25.68
C TRP B 18 15.03 14.61 -25.60
N LYS B 19 15.74 14.71 -26.73
CA LYS B 19 17.19 14.55 -26.70
C LYS B 19 17.85 15.72 -25.96
N LYS B 20 17.22 16.89 -26.03
CA LYS B 20 17.74 18.08 -25.34
C LYS B 20 17.65 17.87 -23.84
N LEU B 21 16.54 17.23 -23.39
CA LEU B 21 16.41 16.94 -21.98
C LEU B 21 17.39 15.85 -21.52
N GLU B 22 17.71 14.91 -22.42
CA GLU B 22 18.70 13.88 -22.13
C GLU B 22 20.05 14.57 -21.92
N GLU B 23 20.37 15.53 -22.77
CA GLU B 23 21.62 16.25 -22.60
C GLU B 23 21.61 17.17 -21.36
N THR B 24 20.48 17.82 -21.04
CA THR B 24 20.38 18.56 -19.80
C THR B 24 20.52 17.64 -18.58
N TYR B 25 19.95 16.44 -18.62
CA TYR B 25 20.11 15.48 -17.54
C TYR B 25 21.60 15.26 -17.27
N LYS B 26 22.34 15.04 -18.34
CA LYS B 26 23.75 14.75 -18.16
C LYS B 26 24.50 15.95 -17.61
N SER B 27 24.20 17.13 -18.11
CA SER B 27 25.01 18.30 -17.75
C SER B 27 24.61 18.90 -16.41
N VAL B 28 23.34 18.81 -16.04
CA VAL B 28 22.85 19.61 -14.91
C VAL B 28 22.02 18.74 -13.96
N GLY B 29 21.28 17.77 -14.49
CA GLY B 29 20.24 17.14 -13.70
C GLY B 29 20.76 16.01 -12.82
N GLU B 30 21.61 15.14 -13.36
CA GLU B 30 22.08 13.96 -12.64
C GLU B 30 22.68 14.35 -11.28
N LYS B 31 23.48 15.43 -11.26
CA LYS B 31 24.24 15.80 -10.08
C LYS B 31 23.64 17.04 -9.44
N PHE B 32 22.36 17.30 -9.75
CA PHE B 32 21.70 18.51 -9.28
C PHE B 32 21.76 18.61 -7.75
N SER B 33 22.21 19.78 -7.27
CA SER B 33 22.21 20.15 -5.86
C SER B 33 21.08 21.12 -5.58
N VAL B 34 20.10 20.62 -4.83
CA VAL B 34 18.99 21.46 -4.41
C VAL B 34 19.51 22.50 -3.40
N ARG B 35 20.43 22.06 -2.53
CA ARG B 35 21.10 22.96 -1.62
C ARG B 35 21.73 24.14 -2.36
N ASP B 36 22.52 23.85 -3.40
CA ASP B 36 23.10 24.92 -4.18
C ASP B 36 22.02 25.78 -4.87
N ALA B 37 20.92 25.20 -5.34
CA ALA B 37 19.91 25.98 -6.05
C ALA B 37 19.30 27.05 -5.15
N PHE B 38 18.94 26.71 -3.91
CA PHE B 38 18.47 27.68 -2.92
C PHE B 38 19.54 28.73 -2.64
N ALA B 39 20.83 28.32 -2.57
CA ALA B 39 21.90 29.29 -2.32
C ALA B 39 22.03 30.28 -3.49
N LYS B 40 21.75 29.85 -4.73
CA LYS B 40 21.92 30.63 -5.93
C LYS B 40 20.74 31.58 -6.12
N ASP B 41 19.54 31.20 -5.66
CA ASP B 41 18.28 31.84 -6.05
C ASP B 41 17.49 32.12 -4.77
N PRO B 42 17.59 33.34 -4.18
CA PRO B 42 16.84 33.69 -2.98
C PRO B 42 15.33 33.61 -3.15
N LYS B 43 14.85 33.67 -4.41
CA LYS B 43 13.42 33.66 -4.71
C LYS B 43 12.94 32.27 -5.16
N ARG B 44 13.75 31.23 -4.90
CA ARG B 44 13.42 29.90 -5.37
C ARG B 44 12.08 29.37 -4.89
N PHE B 45 11.74 29.51 -3.61
CA PHE B 45 10.47 29.08 -3.09
C PHE B 45 9.31 29.81 -3.82
N GLU B 46 9.46 31.13 -4.04
CA GLU B 46 8.44 31.88 -4.75
C GLU B 46 8.31 31.32 -6.17
N GLU B 47 9.42 31.05 -6.86
CA GLU B 47 9.37 30.71 -8.28
C GLU B 47 8.80 29.30 -8.55
N PHE B 48 8.92 28.40 -7.55
CA PHE B 48 8.59 27.02 -7.75
C PHE B 48 7.49 26.60 -6.79
N SER B 49 6.73 27.55 -6.30
CA SER B 49 5.51 27.26 -5.57
C SER B 49 4.35 28.04 -6.19
N TRP B 50 3.12 27.48 -6.13
CA TRP B 50 1.92 28.06 -6.68
C TRP B 50 0.81 27.86 -5.65
N ILE B 51 0.02 28.91 -5.45
CA ILE B 51 -1.20 28.85 -4.66
C ILE B 51 -2.39 28.63 -5.59
N TYR B 52 -3.13 27.56 -5.31
CA TYR B 52 -4.36 27.22 -6.00
C TYR B 52 -5.51 27.80 -5.16
N LYS B 53 -6.40 28.54 -5.82
CA LYS B 53 -7.59 29.05 -5.15
C LYS B 53 -8.81 28.27 -5.62
N ASN B 54 -9.55 27.71 -4.65
CA ASN B 54 -10.69 26.86 -4.97
C ASN B 54 -11.94 27.72 -5.15
N TYR B 55 -13.05 27.09 -5.56
CA TYR B 55 -14.25 27.86 -5.91
C TYR B 55 -14.78 28.56 -4.69
N ASP B 56 -14.46 28.03 -3.50
CA ASP B 56 -14.99 28.57 -2.25
C ASP B 56 -13.99 29.51 -1.55
N ASP B 57 -12.96 29.95 -2.26
CA ASP B 57 -11.94 30.89 -1.83
C ASP B 57 -10.98 30.21 -0.84
N SER B 58 -11.11 28.89 -0.61
CA SER B 58 -10.08 28.19 0.13
C SER B 58 -8.86 27.99 -0.78
N LYS B 59 -7.74 27.60 -0.19
CA LYS B 59 -6.48 27.56 -0.94
C LYS B 59 -5.70 26.29 -0.63
N ILE B 60 -4.81 25.99 -1.58
CA ILE B 60 -3.90 24.89 -1.46
C ILE B 60 -2.57 25.37 -2.03
N LEU B 61 -1.52 25.31 -1.21
CA LEU B 61 -0.16 25.61 -1.65
C LEU B 61 0.51 24.35 -2.23
N PHE B 62 1.00 24.44 -3.47
CA PHE B 62 1.78 23.41 -4.13
C PHE B 62 3.22 23.86 -4.24
N ASP B 63 4.09 23.29 -3.37
CA ASP B 63 5.49 23.68 -3.32
C ASP B 63 6.34 22.63 -4.02
N PHE B 64 6.85 22.93 -5.22
CA PHE B 64 7.71 22.02 -5.98
C PHE B 64 9.20 22.35 -5.78
N SER B 65 9.53 23.31 -4.92
CA SER B 65 10.87 23.90 -4.89
C SER B 65 11.97 22.97 -4.35
N LYS B 66 11.65 21.88 -3.64
CA LYS B 66 12.69 20.90 -3.24
C LYS B 66 12.90 19.79 -4.28
N ASN B 67 12.38 19.93 -5.51
CA ASN B 67 12.59 18.95 -6.56
C ASN B 67 13.90 19.27 -7.26
N LEU B 68 14.36 18.31 -8.08
CA LEU B 68 15.58 18.45 -8.86
C LEU B 68 15.28 19.20 -10.17
N VAL B 69 14.96 20.50 -10.06
CA VAL B 69 14.42 21.29 -11.14
C VAL B 69 14.91 22.73 -10.97
N ASN B 70 15.13 23.42 -12.10
CA ASN B 70 15.39 24.85 -12.05
C ASN B 70 14.68 25.45 -13.27
N LYS B 71 14.90 26.75 -13.48
CA LYS B 71 14.20 27.47 -14.54
C LYS B 71 14.49 26.81 -15.89
N GLU B 72 15.77 26.52 -16.15
CA GLU B 72 16.16 25.92 -17.42
C GLU B 72 15.43 24.61 -17.66
N ILE B 73 15.44 23.71 -16.67
CA ILE B 73 14.85 22.38 -16.81
C ILE B 73 13.33 22.48 -17.03
N LEU B 74 12.67 23.28 -16.18
CA LEU B 74 11.21 23.38 -16.25
C LEU B 74 10.80 23.97 -17.59
N ASP B 75 11.53 24.98 -18.09
CA ASP B 75 11.26 25.53 -19.41
C ASP B 75 11.38 24.49 -20.53
N GLN B 76 12.37 23.60 -20.44
CA GLN B 76 12.53 22.52 -21.42
C GLN B 76 11.34 21.55 -21.32
N LEU B 77 10.93 21.22 -20.09
CA LEU B 77 9.80 20.31 -19.92
C LEU B 77 8.55 20.93 -20.54
N VAL B 78 8.34 22.24 -20.32
CA VAL B 78 7.18 22.91 -20.90
C VAL B 78 7.26 22.86 -22.42
N THR B 79 8.46 23.04 -23.02
CA THR B 79 8.60 22.93 -24.45
C THR B 79 8.24 21.52 -24.91
N LEU B 80 8.65 20.49 -24.16
CA LEU B 80 8.26 19.11 -24.49
C LEU B 80 6.75 18.93 -24.47
N ALA B 81 6.06 19.47 -23.45
CA ALA B 81 4.62 19.37 -23.41
C ALA B 81 3.98 20.07 -24.63
N LYS B 82 4.55 21.19 -25.08
CA LYS B 82 4.01 21.83 -26.30
C LYS B 82 4.23 20.93 -27.52
N GLU B 83 5.44 20.39 -27.68
CA GLU B 83 5.68 19.52 -28.80
C GLU B 83 4.81 18.27 -28.77
N ALA B 84 4.46 17.78 -27.58
CA ALA B 84 3.58 16.64 -27.44
C ALA B 84 2.10 16.98 -27.64
N GLY B 85 1.74 18.27 -27.76
CA GLY B 85 0.36 18.64 -27.91
C GLY B 85 -0.52 18.29 -26.70
N VAL B 86 0.01 18.43 -25.48
CA VAL B 86 -0.81 18.26 -24.29
C VAL B 86 -2.08 19.10 -24.35
N GLU B 87 -1.91 20.39 -24.73
CA GLU B 87 -3.05 21.31 -24.72
C GLU B 87 -4.10 20.86 -25.77
N LYS B 88 -3.68 20.40 -26.93
CA LYS B 88 -4.62 19.96 -27.96
C LYS B 88 -5.46 18.79 -27.47
N LEU B 89 -4.77 17.79 -26.87
CA LEU B 89 -5.44 16.61 -26.37
C LEU B 89 -6.37 16.96 -25.21
N ARG B 90 -5.91 17.87 -24.33
CA ARG B 90 -6.73 18.28 -23.20
C ARG B 90 -8.02 18.91 -23.74
N ASP B 91 -7.83 19.85 -24.68
CA ASP B 91 -8.96 20.60 -25.22
C ASP B 91 -9.95 19.64 -25.89
N ALA B 92 -9.44 18.64 -26.61
CA ALA B 92 -10.27 17.59 -27.22
C ALA B 92 -11.02 16.78 -26.17
N MET B 93 -10.36 16.48 -25.03
CA MET B 93 -11.04 15.83 -23.91
C MET B 93 -12.24 16.66 -23.46
N PHE B 94 -12.04 17.95 -23.21
CA PHE B 94 -13.11 18.79 -22.68
C PHE B 94 -14.19 19.09 -23.75
N ALA B 95 -13.83 18.94 -25.03
CA ALA B 95 -14.74 19.09 -26.15
C ALA B 95 -15.67 17.89 -26.36
N GLY B 96 -15.41 16.77 -25.68
CA GLY B 96 -16.16 15.53 -25.83
C GLY B 96 -15.68 14.65 -26.97
N ASP B 97 -14.53 14.99 -27.58
CA ASP B 97 -14.03 14.16 -28.66
C ASP B 97 -13.68 12.75 -28.14
N HIS B 98 -13.70 11.77 -29.04
CA HIS B 98 -13.44 10.38 -28.70
C HIS B 98 -11.94 10.11 -28.60
N ILE B 99 -11.32 10.67 -27.53
CA ILE B 99 -9.87 10.54 -27.39
C ILE B 99 -9.46 9.20 -26.80
N ASN B 100 -10.40 8.40 -26.30
CA ASN B 100 -10.18 7.00 -26.01
C ASN B 100 -10.26 6.30 -27.35
N THR B 101 -9.13 6.25 -28.09
CA THR B 101 -9.17 5.80 -29.48
C THR B 101 -9.39 4.30 -29.64
N THR B 102 -8.94 3.49 -28.69
CA THR B 102 -9.01 2.04 -28.87
C THR B 102 -10.41 1.51 -28.55
N GLU B 103 -11.14 2.22 -27.69
CA GLU B 103 -12.52 1.83 -27.42
C GLU B 103 -13.51 2.75 -28.19
N ASP B 104 -12.97 3.76 -28.89
CA ASP B 104 -13.73 4.78 -29.60
C ASP B 104 -14.79 5.40 -28.70
N ARG B 105 -14.31 6.11 -27.68
CA ARG B 105 -15.20 6.69 -26.70
C ARG B 105 -14.69 8.07 -26.30
N ALA B 106 -15.60 8.93 -25.90
CA ALA B 106 -15.23 10.13 -25.15
C ALA B 106 -14.67 9.76 -23.79
N VAL B 107 -14.05 10.78 -23.19
CA VAL B 107 -13.40 10.71 -21.89
C VAL B 107 -13.91 11.88 -21.11
N TYR B 108 -14.97 11.65 -20.29
CA TYR B 108 -15.76 12.80 -19.88
C TYR B 108 -16.15 12.75 -18.41
N HIS B 109 -15.24 12.26 -17.55
CA HIS B 109 -15.38 12.48 -16.13
C HIS B 109 -15.46 13.99 -15.80
N VAL B 110 -14.80 14.88 -16.55
CA VAL B 110 -14.99 16.33 -16.30
C VAL B 110 -16.44 16.77 -16.43
N ALA B 111 -17.29 16.08 -17.25
CA ALA B 111 -18.70 16.42 -17.40
C ALA B 111 -19.49 16.01 -16.17
N LEU B 112 -18.98 15.07 -15.36
CA LEU B 112 -19.71 14.62 -14.18
C LEU B 112 -19.82 15.70 -13.10
N ARG B 113 -18.84 16.60 -13.06
CA ARG B 113 -18.75 17.65 -12.05
C ARG B 113 -18.97 19.04 -12.65
N ASN B 114 -19.67 19.05 -13.79
CA ASN B 114 -20.14 20.26 -14.45
C ASN B 114 -21.36 20.87 -13.74
N ARG B 115 -21.13 21.35 -12.53
CA ARG B 115 -22.24 21.87 -11.73
C ARG B 115 -22.66 23.24 -12.24
N ALA B 116 -21.75 23.94 -12.97
CA ALA B 116 -22.10 25.20 -13.60
C ALA B 116 -23.04 25.03 -14.79
N LEU B 117 -23.25 23.80 -15.26
CA LEU B 117 -24.06 23.47 -16.43
C LEU B 117 -23.52 24.16 -17.66
N ARG B 118 -22.20 24.18 -17.83
CA ARG B 118 -21.63 24.57 -19.10
C ARG B 118 -22.10 23.61 -20.16
N LYS B 119 -22.07 24.05 -21.41
CA LYS B 119 -22.36 23.13 -22.49
C LYS B 119 -21.17 22.19 -22.68
N MET B 120 -21.43 20.90 -22.50
CA MET B 120 -20.40 19.88 -22.55
CA MET B 120 -20.41 19.86 -22.52
C MET B 120 -20.94 18.70 -23.35
N PRO B 121 -20.73 18.72 -24.68
CA PRO B 121 -21.43 17.75 -25.53
C PRO B 121 -20.59 16.54 -25.86
N VAL B 122 -21.28 15.42 -25.96
CA VAL B 122 -20.72 14.24 -26.61
C VAL B 122 -21.58 13.94 -27.83
N ASP B 123 -20.90 13.68 -28.96
CA ASP B 123 -21.60 13.41 -30.23
C ASP B 123 -22.55 14.57 -30.55
N GLY B 124 -22.15 15.79 -30.17
CA GLY B 124 -22.86 17.02 -30.50
C GLY B 124 -24.11 17.24 -29.66
N LYS B 125 -24.29 16.46 -28.61
CA LYS B 125 -25.44 16.57 -27.73
C LYS B 125 -24.95 16.89 -26.32
N ASP B 126 -25.41 18.04 -25.78
CA ASP B 126 -24.99 18.45 -24.44
C ASP B 126 -25.32 17.35 -23.42
N THR B 127 -24.43 17.18 -22.43
CA THR B 127 -24.56 16.18 -21.37
C THR B 127 -25.01 16.80 -20.03
N ALA B 128 -25.05 18.14 -19.93
CA ALA B 128 -25.15 18.86 -18.65
C ALA B 128 -26.43 18.45 -17.92
N GLN B 129 -27.57 18.39 -18.64
CA GLN B 129 -28.81 18.08 -17.93
C GLN B 129 -28.90 16.60 -17.56
N GLU B 130 -28.43 15.69 -18.41
CA GLU B 130 -28.57 14.27 -18.15
C GLU B 130 -27.74 13.92 -16.91
N VAL B 131 -26.57 14.54 -16.78
CA VAL B 131 -25.71 14.36 -15.60
C VAL B 131 -26.40 14.93 -14.37
N ASP B 132 -26.87 16.17 -14.50
CA ASP B 132 -27.54 16.84 -13.38
C ASP B 132 -28.78 16.08 -12.94
N ASP B 133 -29.52 15.42 -13.86
CA ASP B 133 -30.70 14.66 -13.47
C ASP B 133 -30.35 13.46 -12.60
N VAL B 134 -29.25 12.76 -12.92
CA VAL B 134 -28.84 11.65 -12.07
C VAL B 134 -28.45 12.17 -10.69
N LEU B 135 -27.74 13.32 -10.58
CA LEU B 135 -27.34 13.92 -9.32
C LEU B 135 -28.59 14.28 -8.50
N LYS B 136 -29.65 14.80 -9.17
CA LYS B 136 -30.85 15.12 -8.40
C LYS B 136 -31.51 13.88 -7.82
N HIS B 137 -31.48 12.79 -8.58
CA HIS B 137 -32.00 11.51 -8.13
C HIS B 137 -31.18 11.01 -6.94
N MET B 138 -29.86 11.06 -7.08
CA MET B 138 -28.96 10.78 -5.98
C MET B 138 -29.29 11.58 -4.73
N LYS B 139 -29.55 12.90 -4.87
CA LYS B 139 -29.89 13.73 -3.72
C LYS B 139 -31.18 13.20 -3.12
N GLU B 140 -32.21 12.97 -3.96
CA GLU B 140 -33.50 12.51 -3.40
C GLU B 140 -33.30 11.24 -2.56
N PHE B 141 -32.67 10.23 -3.19
CA PHE B 141 -32.52 8.92 -2.57
C PHE B 141 -31.68 9.03 -1.31
N SER B 142 -30.54 9.71 -1.40
CA SER B 142 -29.66 9.80 -0.25
C SER B 142 -30.31 10.53 0.93
N ASP B 143 -31.10 11.56 0.59
CA ASP B 143 -31.83 12.30 1.60
C ASP B 143 -32.83 11.39 2.30
N SER B 144 -33.51 10.51 1.56
CA SER B 144 -34.51 9.62 2.13
CA SER B 144 -34.51 9.63 2.13
C SER B 144 -33.86 8.58 3.04
N ILE B 145 -32.66 8.13 2.69
CA ILE B 145 -31.95 7.21 3.58
C ILE B 145 -31.59 7.92 4.89
N ARG B 146 -31.04 9.12 4.79
CA ARG B 146 -30.51 9.86 5.92
C ARG B 146 -31.63 10.34 6.85
N ASP B 147 -32.84 10.64 6.33
CA ASP B 147 -33.87 11.21 7.19
C ASP B 147 -34.85 10.16 7.68
N GLY B 148 -34.63 8.88 7.33
CA GLY B 148 -35.48 7.84 7.84
C GLY B 148 -36.76 7.59 7.05
N SER B 149 -37.02 8.36 5.99
CA SER B 149 -38.24 8.17 5.20
C SER B 149 -38.22 6.92 4.33
N TRP B 150 -37.02 6.47 3.93
CA TRP B 150 -36.85 5.14 3.37
C TRP B 150 -36.69 4.14 4.50
N THR B 151 -37.67 3.22 4.65
CA THR B 151 -37.64 2.23 5.69
C THR B 151 -37.42 0.84 5.09
N GLY B 152 -36.85 -0.01 5.93
CA GLY B 152 -36.69 -1.41 5.59
C GLY B 152 -38.00 -2.20 5.70
N TYR B 153 -37.94 -3.54 5.53
CA TYR B 153 -39.15 -4.30 5.27
C TYR B 153 -39.95 -4.44 6.56
N THR B 154 -39.36 -4.21 7.72
CA THR B 154 -40.08 -4.23 8.99
C THR B 154 -40.35 -2.81 9.50
N GLY B 155 -40.17 -1.78 8.66
CA GLY B 155 -40.56 -0.40 8.98
C GLY B 155 -39.50 0.46 9.72
N LYS B 156 -38.23 -0.01 9.73
CA LYS B 156 -37.15 0.65 10.45
C LYS B 156 -36.31 1.50 9.51
N SER B 157 -35.78 2.61 10.04
CA SER B 157 -34.76 3.37 9.30
C SER B 157 -33.53 2.50 9.05
N ILE B 158 -32.81 2.87 7.96
CA ILE B 158 -31.57 2.21 7.59
C ILE B 158 -30.45 2.72 8.50
N THR B 159 -29.62 1.79 8.95
CA THR B 159 -28.48 1.99 9.80
C THR B 159 -27.16 1.73 9.06
N ASP B 160 -27.16 0.83 8.07
CA ASP B 160 -25.92 0.40 7.41
C ASP B 160 -26.14 0.30 5.93
N VAL B 161 -25.14 0.75 5.14
CA VAL B 161 -25.26 0.74 3.71
C VAL B 161 -23.99 0.07 3.22
N VAL B 162 -24.23 -0.98 2.44
CA VAL B 162 -23.15 -1.83 1.94
C VAL B 162 -23.07 -1.66 0.44
N ASN B 163 -21.91 -1.15 0.02
CA ASN B 163 -21.59 -1.09 -1.40
C ASN B 163 -20.86 -2.36 -1.81
N ILE B 164 -21.29 -2.94 -2.94
CA ILE B 164 -20.64 -4.14 -3.46
C ILE B 164 -20.21 -3.80 -4.87
N GLY B 165 -18.90 -3.93 -5.08
CA GLY B 165 -18.31 -3.55 -6.35
C GLY B 165 -16.84 -3.90 -6.35
N ILE B 166 -16.23 -3.85 -7.55
CA ILE B 166 -14.83 -4.10 -7.74
C ILE B 166 -14.16 -2.92 -8.45
N GLY B 167 -12.88 -2.83 -8.26
CA GLY B 167 -12.13 -1.79 -8.96
C GLY B 167 -12.61 -0.37 -8.66
N GLY B 168 -12.88 0.39 -9.73
CA GLY B 168 -13.33 1.77 -9.61
C GLY B 168 -14.71 1.87 -8.97
N SER B 169 -15.43 0.74 -8.89
CA SER B 169 -16.75 0.73 -8.27
C SER B 169 -16.65 0.58 -6.75
N ASP B 170 -15.43 0.29 -6.24
CA ASP B 170 -15.16 0.17 -4.81
C ASP B 170 -14.17 1.23 -4.29
N LEU B 171 -13.01 1.46 -4.93
CA LEU B 171 -11.90 2.14 -4.25
C LEU B 171 -12.19 3.62 -4.00
N GLY B 172 -12.85 4.30 -4.95
CA GLY B 172 -13.27 5.67 -4.77
C GLY B 172 -14.22 5.83 -3.59
N PRO B 173 -15.34 5.11 -3.59
CA PRO B 173 -16.25 5.17 -2.43
C PRO B 173 -15.54 4.86 -1.11
N VAL B 174 -14.68 3.85 -1.05
CA VAL B 174 -13.92 3.57 0.17
C VAL B 174 -13.08 4.81 0.57
N MET B 175 -12.20 5.24 -0.34
CA MET B 175 -11.24 6.27 0.00
C MET B 175 -11.95 7.54 0.42
N VAL B 176 -13.02 7.94 -0.28
CA VAL B 176 -13.63 9.22 -0.04
C VAL B 176 -14.49 9.22 1.23
N THR B 177 -15.17 8.12 1.50
CA THR B 177 -15.87 7.99 2.77
C THR B 177 -14.91 7.98 3.95
N GLU B 178 -13.76 7.30 3.80
CA GLU B 178 -12.74 7.36 4.84
C GLU B 178 -12.23 8.80 5.01
N ALA B 179 -11.90 9.46 3.89
CA ALA B 179 -11.30 10.77 3.93
C ALA B 179 -12.20 11.86 4.55
N LEU B 180 -13.51 11.73 4.29
CA LEU B 180 -14.49 12.72 4.73
C LEU B 180 -15.35 12.22 5.89
N LYS B 181 -14.83 11.29 6.67
CA LYS B 181 -15.59 10.64 7.73
C LYS B 181 -16.01 11.63 8.82
N ALA B 182 -15.26 12.73 8.97
CA ALA B 182 -15.66 13.78 9.91
C ALA B 182 -17.03 14.38 9.59
N TYR B 183 -17.51 14.18 8.36
CA TYR B 183 -18.76 14.78 7.89
C TYR B 183 -19.94 13.80 7.98
N SER B 184 -19.69 12.61 8.55
CA SER B 184 -20.71 11.59 8.66
C SER B 184 -21.62 11.90 9.84
N LYS B 185 -22.66 11.06 9.97
CA LYS B 185 -23.76 11.15 10.91
C LYS B 185 -23.66 9.94 11.84
N PRO B 186 -23.65 10.10 13.18
CA PRO B 186 -23.70 8.93 14.05
C PRO B 186 -24.94 8.10 13.71
N GLY B 187 -24.73 6.79 13.66
CA GLY B 187 -25.80 5.83 13.50
C GLY B 187 -26.11 5.50 12.04
N LEU B 188 -25.35 6.06 11.08
CA LEU B 188 -25.47 5.65 9.68
C LEU B 188 -24.07 5.32 9.18
N ASN B 189 -23.80 4.03 9.01
CA ASN B 189 -22.49 3.54 8.64
C ASN B 189 -22.48 2.98 7.22
N VAL B 190 -21.26 3.03 6.63
CA VAL B 190 -21.04 2.44 5.31
C VAL B 190 -20.01 1.29 5.42
N HIS B 191 -20.15 0.36 4.50
CA HIS B 191 -19.31 -0.81 4.34
C HIS B 191 -19.16 -1.11 2.86
N PHE B 192 -18.04 -1.76 2.55
CA PHE B 192 -17.60 -1.99 1.19
C PHE B 192 -17.11 -3.41 1.01
N ILE B 193 -17.89 -4.22 0.25
CA ILE B 193 -17.51 -5.59 -0.10
C ILE B 193 -16.99 -5.55 -1.53
N SER B 194 -15.78 -6.03 -1.74
CA SER B 194 -15.14 -5.96 -3.06
C SER B 194 -14.48 -7.27 -3.49
N ASN B 195 -13.72 -7.88 -2.59
CA ASN B 195 -13.00 -9.10 -2.92
C ASN B 195 -14.00 -10.22 -3.17
N ILE B 196 -13.72 -11.05 -4.17
CA ILE B 196 -14.49 -12.30 -4.34
C ILE B 196 -14.23 -13.25 -3.17
N ASP B 197 -13.09 -13.18 -2.51
CA ASP B 197 -12.82 -14.03 -1.35
C ASP B 197 -14.03 -13.95 -0.41
N GLY B 198 -14.61 -15.08 -0.08
CA GLY B 198 -15.83 -15.06 0.72
C GLY B 198 -15.63 -14.54 2.13
N THR B 199 -14.40 -14.44 2.61
CA THR B 199 -14.09 -13.73 3.86
C THR B 199 -14.71 -12.33 3.89
N HIS B 200 -14.65 -11.69 2.69
CA HIS B 200 -15.03 -10.28 2.64
C HIS B 200 -16.52 -10.15 2.93
N THR B 201 -17.32 -11.04 2.31
CA THR B 201 -18.75 -11.08 2.63
C THR B 201 -19.02 -11.52 4.08
N ALA B 202 -18.40 -12.62 4.52
CA ALA B 202 -18.69 -13.22 5.80
C ALA B 202 -18.39 -12.22 6.88
N GLU B 203 -17.23 -11.53 6.82
CA GLU B 203 -16.85 -10.66 7.91
C GLU B 203 -17.67 -9.37 7.89
N THR B 204 -18.02 -8.89 6.68
CA THR B 204 -18.75 -7.62 6.55
C THR B 204 -20.18 -7.78 7.08
N LEU B 205 -20.84 -8.88 6.78
CA LEU B 205 -22.25 -9.01 7.12
C LEU B 205 -22.50 -9.61 8.51
N LYS B 206 -21.43 -10.13 9.15
CA LYS B 206 -21.53 -10.89 10.40
C LYS B 206 -22.43 -10.21 11.43
N ASN B 207 -22.23 -8.91 11.64
CA ASN B 207 -22.90 -8.25 12.76
C ASN B 207 -23.95 -7.27 12.24
N LEU B 208 -24.33 -7.38 10.97
CA LEU B 208 -25.34 -6.47 10.44
C LEU B 208 -26.75 -7.06 10.57
N ASN B 209 -27.75 -6.16 10.56
CA ASN B 209 -29.16 -6.51 10.70
C ASN B 209 -29.83 -6.42 9.34
N PRO B 210 -30.31 -7.53 8.73
CA PRO B 210 -30.99 -7.49 7.45
C PRO B 210 -32.12 -6.46 7.42
N GLU B 211 -32.85 -6.27 8.56
CA GLU B 211 -33.96 -5.32 8.57
C GLU B 211 -33.53 -3.86 8.35
N THR B 212 -32.25 -3.52 8.56
CA THR B 212 -31.81 -2.12 8.56
C THR B 212 -30.57 -1.93 7.68
N THR B 213 -30.28 -2.92 6.83
CA THR B 213 -29.15 -2.82 5.90
C THR B 213 -29.65 -2.58 4.47
N LEU B 214 -28.98 -1.64 3.74
CA LEU B 214 -29.30 -1.33 2.37
C LEU B 214 -28.04 -1.61 1.51
N PHE B 215 -28.23 -2.33 0.41
CA PHE B 215 -27.13 -2.66 -0.49
C PHE B 215 -27.16 -1.80 -1.73
N LEU B 216 -25.97 -1.41 -2.24
CA LEU B 216 -25.82 -0.75 -3.51
C LEU B 216 -24.90 -1.64 -4.29
N ILE B 217 -25.46 -2.23 -5.36
CA ILE B 217 -24.71 -3.08 -6.26
C ILE B 217 -24.19 -2.20 -7.38
N ALA B 218 -22.86 -2.08 -7.42
CA ALA B 218 -22.16 -1.10 -8.26
C ALA B 218 -21.44 -1.86 -9.38
N SER B 219 -22.07 -1.86 -10.56
CA SER B 219 -21.71 -2.60 -11.77
C SER B 219 -22.53 -2.07 -12.97
N LYS B 220 -21.84 -1.44 -13.92
CA LYS B 220 -22.48 -0.90 -15.12
C LYS B 220 -23.29 -1.94 -15.88
N THR B 221 -22.63 -3.08 -16.22
CA THR B 221 -23.22 -4.17 -16.96
C THR B 221 -24.22 -4.95 -16.11
N PHE B 222 -24.00 -4.97 -14.78
CA PHE B 222 -24.74 -5.81 -13.87
C PHE B 222 -24.55 -7.28 -14.22
N THR B 223 -23.46 -7.56 -14.90
CA THR B 223 -23.04 -8.93 -15.20
C THR B 223 -21.59 -9.21 -14.78
N THR B 224 -20.86 -8.23 -14.19
CA THR B 224 -19.52 -8.43 -13.66
C THR B 224 -19.43 -9.65 -12.72
N ALA B 225 -18.60 -10.66 -13.03
CA ALA B 225 -18.62 -11.94 -12.31
C ALA B 225 -18.45 -11.83 -10.78
N GLU B 226 -17.39 -11.20 -10.31
CA GLU B 226 -17.16 -11.12 -8.87
CA GLU B 226 -17.14 -11.08 -8.89
C GLU B 226 -18.25 -10.32 -8.19
N THR B 227 -18.62 -9.17 -8.77
CA THR B 227 -19.62 -8.33 -8.17
C THR B 227 -20.98 -9.01 -8.13
N ILE B 228 -21.38 -9.70 -9.20
CA ILE B 228 -22.72 -10.29 -9.16
C ILE B 228 -22.70 -11.52 -8.24
N THR B 229 -21.55 -12.23 -8.12
CA THR B 229 -21.45 -13.31 -7.15
C THR B 229 -21.62 -12.81 -5.72
N ASN B 230 -20.87 -11.74 -5.38
CA ASN B 230 -21.02 -11.09 -4.10
C ASN B 230 -22.45 -10.65 -3.88
N ALA B 231 -23.06 -10.04 -4.91
CA ALA B 231 -24.40 -9.47 -4.73
C ALA B 231 -25.38 -10.59 -4.43
N THR B 232 -25.21 -11.73 -5.12
CA THR B 232 -26.12 -12.87 -4.96
C THR B 232 -25.98 -13.49 -3.58
N SER B 233 -24.73 -13.58 -3.07
CA SER B 233 -24.48 -14.06 -1.72
C SER B 233 -25.10 -13.15 -0.70
N ALA B 234 -25.06 -11.81 -0.92
CA ALA B 234 -25.64 -10.87 0.01
C ALA B 234 -27.15 -11.00 -0.02
N LYS B 235 -27.73 -11.16 -1.20
CA LYS B 235 -29.17 -11.40 -1.33
C LYS B 235 -29.57 -12.68 -0.62
N ASN B 236 -28.73 -13.72 -0.67
CA ASN B 236 -29.06 -14.94 0.09
C ASN B 236 -29.03 -14.69 1.61
N TRP B 237 -28.06 -13.91 2.08
CA TRP B 237 -27.97 -13.54 3.49
C TRP B 237 -29.23 -12.79 3.90
N PHE B 238 -29.66 -11.86 3.05
CA PHE B 238 -30.81 -11.04 3.37
C PHE B 238 -32.04 -11.95 3.50
N LEU B 239 -32.22 -12.79 2.47
CA LEU B 239 -33.42 -13.63 2.37
C LEU B 239 -33.40 -14.71 3.44
N ALA B 240 -32.24 -15.12 3.95
CA ALA B 240 -32.22 -16.08 5.08
C ALA B 240 -33.07 -15.55 6.23
N THR B 241 -33.09 -14.23 6.40
CA THR B 241 -33.87 -13.59 7.46
C THR B 241 -35.22 -13.09 6.94
N ALA B 242 -35.26 -12.44 5.79
CA ALA B 242 -36.49 -11.81 5.32
C ALA B 242 -37.53 -12.81 4.79
N LYS B 243 -37.03 -13.89 4.14
CA LYS B 243 -37.82 -15.08 3.78
C LYS B 243 -38.91 -14.76 2.77
N ASP B 244 -38.75 -13.70 2.00
CA ASP B 244 -39.67 -13.38 0.92
C ASP B 244 -39.01 -12.41 -0.04
N SER B 245 -38.99 -12.76 -1.34
CA SER B 245 -38.32 -11.97 -2.37
C SER B 245 -38.96 -10.60 -2.55
N LYS B 246 -40.18 -10.39 -2.08
CA LYS B 246 -40.81 -9.11 -2.28
C LYS B 246 -40.09 -8.05 -1.43
N HIS B 247 -39.30 -8.49 -0.44
CA HIS B 247 -38.64 -7.52 0.44
C HIS B 247 -37.37 -6.96 -0.19
N ILE B 248 -36.88 -7.60 -1.25
CA ILE B 248 -35.62 -7.17 -1.86
C ILE B 248 -35.65 -5.69 -2.22
N ALA B 249 -36.79 -5.23 -2.71
CA ALA B 249 -36.92 -3.90 -3.28
C ALA B 249 -36.63 -2.78 -2.26
N LYS B 250 -36.79 -3.03 -0.96
CA LYS B 250 -36.55 -2.02 0.05
CA LYS B 250 -36.55 -2.01 0.05
C LYS B 250 -35.09 -2.04 0.52
N HIS B 251 -34.28 -2.96 -0.04
CA HIS B 251 -32.98 -3.22 0.56
C HIS B 251 -31.86 -3.26 -0.48
N PHE B 252 -32.21 -3.17 -1.76
CA PHE B 252 -31.17 -3.28 -2.80
C PHE B 252 -31.44 -2.24 -3.87
N ALA B 253 -30.38 -1.46 -4.19
CA ALA B 253 -30.35 -0.49 -5.28
C ALA B 253 -29.15 -0.80 -6.15
N ALA B 254 -29.15 -0.24 -7.37
CA ALA B 254 -28.14 -0.53 -8.38
C ALA B 254 -27.51 0.74 -8.92
N LEU B 255 -26.18 0.68 -9.09
CA LEU B 255 -25.42 1.71 -9.75
C LEU B 255 -25.03 1.08 -11.08
N SER B 256 -25.91 1.23 -12.11
CA SER B 256 -25.92 0.39 -13.30
C SER B 256 -26.74 1.04 -14.42
N THR B 257 -26.54 0.41 -15.61
CA THR B 257 -27.12 0.71 -16.91
C THR B 257 -28.08 -0.41 -17.33
N ASN B 258 -27.99 -1.61 -16.73
CA ASN B 258 -28.62 -2.79 -17.29
C ASN B 258 -29.97 -3.07 -16.59
N GLU B 259 -31.03 -2.45 -17.09
CA GLU B 259 -32.29 -2.46 -16.35
C GLU B 259 -32.93 -3.86 -16.29
N LYS B 260 -32.80 -4.61 -17.38
CA LYS B 260 -33.32 -5.98 -17.43
C LYS B 260 -32.65 -6.83 -16.35
N GLU B 261 -31.32 -6.76 -16.24
CA GLU B 261 -30.62 -7.53 -15.20
C GLU B 261 -30.98 -7.09 -13.78
N VAL B 262 -31.06 -5.75 -13.58
CA VAL B 262 -31.34 -5.20 -12.28
C VAL B 262 -32.72 -5.66 -11.82
N VAL B 263 -33.70 -5.54 -12.75
CA VAL B 263 -35.07 -5.87 -12.40
C VAL B 263 -35.17 -7.36 -12.13
N ALA B 264 -34.40 -8.14 -12.90
CA ALA B 264 -34.35 -9.60 -12.71
C ALA B 264 -33.85 -9.94 -11.30
N PHE B 265 -32.95 -9.10 -10.77
CA PHE B 265 -32.33 -9.39 -9.49
C PHE B 265 -33.34 -9.13 -8.35
N GLY B 266 -34.43 -8.39 -8.63
CA GLY B 266 -35.43 -8.04 -7.62
C GLY B 266 -35.42 -6.57 -7.20
N ILE B 267 -34.55 -5.78 -7.86
CA ILE B 267 -34.41 -4.34 -7.62
C ILE B 267 -35.45 -3.58 -8.45
N ASP B 268 -36.18 -2.65 -7.83
CA ASP B 268 -37.07 -1.76 -8.57
C ASP B 268 -36.23 -0.91 -9.53
N ALA B 269 -36.64 -0.82 -10.81
CA ALA B 269 -35.91 -0.06 -11.82
C ALA B 269 -35.79 1.43 -11.45
N LYS B 270 -36.70 1.91 -10.61
CA LYS B 270 -36.67 3.28 -10.14
C LYS B 270 -35.43 3.51 -9.28
N ASN B 271 -34.82 2.43 -8.75
CA ASN B 271 -33.69 2.55 -7.86
C ASN B 271 -32.39 2.10 -8.54
N MET B 272 -32.32 2.38 -9.83
CA MET B 272 -31.10 2.27 -10.61
C MET B 272 -30.58 3.66 -10.90
N PHE B 273 -29.27 3.84 -10.70
CA PHE B 273 -28.59 5.12 -10.82
C PHE B 273 -27.53 4.93 -11.89
N GLY B 274 -27.74 5.55 -13.06
CA GLY B 274 -26.90 5.31 -14.22
C GLY B 274 -25.72 6.24 -14.38
N PHE B 275 -24.82 5.78 -15.25
CA PHE B 275 -23.70 6.58 -15.73
C PHE B 275 -23.33 6.09 -17.11
N GLU B 276 -22.57 6.90 -17.87
CA GLU B 276 -22.34 6.64 -19.29
C GLU B 276 -21.00 5.96 -19.54
N SER B 277 -20.88 5.40 -20.76
CA SER B 277 -19.71 4.64 -21.20
C SER B 277 -18.44 5.51 -21.15
N TRP B 278 -18.61 6.83 -21.24
CA TRP B 278 -17.47 7.74 -21.23
C TRP B 278 -16.96 8.05 -19.83
N VAL B 279 -17.49 7.32 -18.82
CA VAL B 279 -16.94 7.34 -17.46
C VAL B 279 -16.11 6.10 -17.23
N GLY B 280 -14.82 6.32 -17.03
CA GLY B 280 -13.93 5.22 -16.75
C GLY B 280 -14.08 4.83 -15.29
N GLY B 281 -13.95 3.54 -14.97
CA GLY B 281 -14.07 3.12 -13.59
C GLY B 281 -13.22 3.93 -12.60
N ARG B 282 -11.95 4.19 -12.96
CA ARG B 282 -10.97 4.81 -12.06
C ARG B 282 -11.14 6.33 -12.08
N TYR B 283 -12.17 6.77 -12.80
CA TYR B 283 -12.60 8.15 -12.85
C TYR B 283 -14.10 8.28 -12.53
N SER B 284 -14.66 7.35 -11.77
CA SER B 284 -16.11 7.23 -11.67
C SER B 284 -16.70 7.67 -10.35
N VAL B 285 -15.89 8.01 -9.32
CA VAL B 285 -16.48 8.33 -8.02
C VAL B 285 -17.34 9.60 -8.09
N TRP B 286 -17.16 10.41 -9.13
CA TRP B 286 -17.91 11.65 -9.35
C TRP B 286 -19.34 11.37 -9.88
N SER B 287 -19.61 10.13 -10.30
CA SER B 287 -20.83 9.68 -10.95
C SER B 287 -21.81 9.13 -9.88
N ALA B 288 -22.81 8.42 -10.38
CA ALA B 288 -23.64 7.53 -9.57
C ALA B 288 -22.83 6.64 -8.62
N ILE B 289 -21.62 6.25 -9.00
CA ILE B 289 -20.77 5.39 -8.17
C ILE B 289 -20.48 6.06 -6.82
N GLY B 290 -20.64 7.39 -6.76
CA GLY B 290 -20.39 8.07 -5.53
C GLY B 290 -21.61 8.05 -4.61
N LEU B 291 -22.67 7.30 -4.92
CA LEU B 291 -23.88 7.40 -4.07
C LEU B 291 -23.63 7.12 -2.59
N SER B 292 -22.79 6.12 -2.27
CA SER B 292 -22.49 5.80 -0.91
C SER B 292 -21.90 7.02 -0.22
N VAL B 293 -21.09 7.81 -0.91
CA VAL B 293 -20.56 9.05 -0.30
C VAL B 293 -21.69 10.04 0.03
N ALA B 294 -22.64 10.24 -0.92
CA ALA B 294 -23.74 11.15 -0.69
C ALA B 294 -24.59 10.68 0.48
N ILE B 295 -24.74 9.36 0.64
CA ILE B 295 -25.51 8.81 1.75
C ILE B 295 -24.75 9.03 3.05
N TYR B 296 -23.45 8.88 3.00
CA TYR B 296 -22.69 8.90 4.24
C TYR B 296 -22.53 10.32 4.78
N ILE B 297 -22.32 11.28 3.88
CA ILE B 297 -21.95 12.63 4.33
C ILE B 297 -22.96 13.68 3.87
N GLY B 298 -23.97 13.27 3.12
CA GLY B 298 -25.02 14.14 2.64
C GLY B 298 -24.70 14.60 1.24
N PHE B 299 -25.75 14.80 0.42
CA PHE B 299 -25.58 15.23 -0.96
C PHE B 299 -24.85 16.57 -1.06
N GLU B 300 -25.14 17.52 -0.18
CA GLU B 300 -24.56 18.86 -0.31
C GLU B 300 -23.04 18.76 -0.16
N ASN B 301 -22.56 17.91 0.76
CA ASN B 301 -21.13 17.65 0.88
C ASN B 301 -20.54 16.99 -0.36
N PHE B 302 -21.26 16.04 -0.92
CA PHE B 302 -20.84 15.40 -2.16
C PHE B 302 -20.80 16.42 -3.29
N ASN B 303 -21.80 17.32 -3.35
CA ASN B 303 -21.83 18.36 -4.36
C ASN B 303 -20.63 19.30 -4.21
N ASP B 304 -20.24 19.65 -2.98
CA ASP B 304 -19.06 20.48 -2.75
C ASP B 304 -17.77 19.80 -3.23
N PHE B 305 -17.70 18.50 -3.02
CA PHE B 305 -16.63 17.66 -3.53
C PHE B 305 -16.58 17.73 -5.05
N LEU B 306 -17.73 17.61 -5.73
CA LEU B 306 -17.78 17.79 -7.18
C LEU B 306 -17.28 19.19 -7.62
N LYS B 307 -17.74 20.21 -6.89
CA LYS B 307 -17.37 21.60 -7.23
C LYS B 307 -15.87 21.85 -7.05
N GLY B 308 -15.21 21.18 -6.08
CA GLY B 308 -13.75 21.25 -6.02
C GLY B 308 -13.04 20.66 -7.21
N ALA B 309 -13.57 19.57 -7.73
CA ALA B 309 -12.97 19.03 -8.93
C ALA B 309 -13.20 19.99 -10.08
N GLU B 310 -14.42 20.51 -10.20
CA GLU B 310 -14.76 21.44 -11.28
C GLU B 310 -13.83 22.64 -11.31
N ALA B 311 -13.51 23.17 -10.11
CA ALA B 311 -12.60 24.31 -10.03
C ALA B 311 -11.20 23.93 -10.53
N MET B 312 -10.72 22.74 -10.16
CA MET B 312 -9.41 22.32 -10.61
C MET B 312 -9.45 22.05 -12.11
N ASP B 313 -10.56 21.50 -12.63
CA ASP B 313 -10.73 21.35 -14.06
C ASP B 313 -10.57 22.68 -14.77
N GLN B 314 -11.23 23.71 -14.24
CA GLN B 314 -11.12 25.04 -14.83
C GLN B 314 -9.69 25.59 -14.79
N HIS B 315 -8.95 25.36 -13.69
CA HIS B 315 -7.54 25.72 -13.63
C HIS B 315 -6.77 25.01 -14.72
N PHE B 316 -6.94 23.68 -14.85
CA PHE B 316 -6.20 22.89 -15.84
C PHE B 316 -6.50 23.37 -17.27
N LEU B 317 -7.76 23.70 -17.55
CA LEU B 317 -8.18 24.06 -18.91
C LEU B 317 -7.67 25.44 -19.33
N THR B 318 -7.52 26.37 -18.37
CA THR B 318 -7.44 27.80 -18.72
C THR B 318 -6.08 28.39 -18.38
N THR B 319 -5.15 27.62 -17.78
CA THR B 319 -3.90 28.20 -17.31
C THR B 319 -2.79 27.86 -18.30
N PRO B 320 -2.01 28.86 -18.71
CA PRO B 320 -0.80 28.56 -19.46
C PRO B 320 0.08 27.50 -18.76
N LEU B 321 0.72 26.65 -19.57
CA LEU B 321 1.38 25.46 -19.05
C LEU B 321 2.37 25.78 -17.92
N GLU B 322 3.13 26.86 -18.08
CA GLU B 322 4.20 27.14 -17.12
C GLU B 322 3.68 27.51 -15.72
N ASN B 323 2.38 27.69 -15.56
CA ASN B 323 1.79 27.98 -14.26
C ASN B 323 0.65 27.02 -13.93
N ASN B 324 0.53 25.97 -14.72
CA ASN B 324 -0.58 25.02 -14.65
C ASN B 324 -0.14 23.91 -13.70
N ILE B 325 -0.76 23.84 -12.52
CA ILE B 325 -0.23 23.02 -11.42
C ILE B 325 -0.25 21.54 -11.75
N PRO B 326 -1.35 20.92 -12.25
CA PRO B 326 -1.26 19.50 -12.61
C PRO B 326 -0.26 19.19 -13.73
N VAL B 327 -0.08 20.14 -14.64
CA VAL B 327 0.93 20.00 -15.70
C VAL B 327 2.34 19.96 -15.11
N ILE B 328 2.63 20.87 -14.20
CA ILE B 328 3.96 20.92 -13.59
C ILE B 328 4.23 19.61 -12.90
N GLY B 329 3.27 19.12 -12.10
CA GLY B 329 3.48 17.83 -11.45
C GLY B 329 3.70 16.68 -12.45
N GLY B 330 2.98 16.66 -13.58
CA GLY B 330 3.15 15.65 -14.58
C GLY B 330 4.51 15.78 -15.25
N LEU B 331 4.95 17.01 -15.46
CA LEU B 331 6.26 17.21 -16.09
C LEU B 331 7.37 16.71 -15.17
N LEU B 332 7.29 17.00 -13.89
CA LEU B 332 8.29 16.49 -12.95
C LEU B 332 8.30 14.97 -12.89
N SER B 333 7.12 14.31 -13.01
CA SER B 333 7.08 12.85 -13.05
C SER B 333 7.83 12.29 -14.26
N VAL B 334 7.57 12.88 -15.44
CA VAL B 334 8.28 12.51 -16.66
C VAL B 334 9.79 12.68 -16.48
N TRP B 335 10.22 13.81 -15.90
CA TRP B 335 11.63 14.05 -15.66
C TRP B 335 12.25 12.92 -14.86
N TYR B 336 11.60 12.49 -13.78
CA TYR B 336 12.20 11.46 -12.92
C TYR B 336 12.08 10.09 -13.60
N ASN B 337 10.92 9.79 -14.20
CA ASN B 337 10.64 8.50 -14.83
C ASN B 337 11.60 8.20 -15.98
N ASN B 338 11.69 9.18 -16.90
CA ASN B 338 12.30 8.94 -18.19
C ASN B 338 13.74 9.40 -18.26
N PHE B 339 14.17 10.31 -17.35
CA PHE B 339 15.53 10.84 -17.43
C PHE B 339 16.41 10.37 -16.27
N PHE B 340 15.84 10.32 -15.06
CA PHE B 340 16.54 9.75 -13.93
C PHE B 340 16.37 8.25 -13.83
N GLY B 341 15.35 7.68 -14.46
CA GLY B 341 15.04 6.25 -14.36
C GLY B 341 14.50 5.81 -13.00
N ALA B 342 13.90 6.72 -12.25
CA ALA B 342 13.13 6.38 -11.07
C ALA B 342 11.84 5.68 -11.48
N GLN B 343 11.60 4.49 -10.89
CA GLN B 343 10.49 3.65 -11.35
C GLN B 343 9.26 3.87 -10.47
N THR B 344 9.42 4.60 -9.34
CA THR B 344 8.30 4.74 -8.41
C THR B 344 7.94 6.20 -8.10
N HIS B 345 6.78 6.42 -7.49
CA HIS B 345 6.28 7.70 -7.12
C HIS B 345 5.59 7.48 -5.78
N LEU B 346 6.08 8.07 -4.70
CA LEU B 346 5.56 7.94 -3.36
C LEU B 346 4.58 9.06 -3.05
N VAL B 347 3.47 8.72 -2.38
CA VAL B 347 2.55 9.76 -1.96
C VAL B 347 2.22 9.47 -0.51
N VAL B 348 2.51 10.47 0.31
CA VAL B 348 2.37 10.34 1.77
C VAL B 348 1.47 11.43 2.31
N PRO B 349 0.23 11.08 2.66
CA PRO B 349 -0.62 12.01 3.38
C PRO B 349 -0.28 12.03 4.87
N PHE B 350 0.03 13.20 5.40
CA PHE B 350 0.21 13.43 6.82
C PHE B 350 -1.18 13.67 7.38
N ASP B 351 -2.00 12.65 7.26
CA ASP B 351 -3.42 12.75 7.51
C ASP B 351 -3.96 11.33 7.58
N GLN B 352 -4.45 10.95 8.75
CA GLN B 352 -5.02 9.65 8.97
C GLN B 352 -6.31 9.41 8.20
N TYR B 353 -7.21 10.42 8.04
CA TYR B 353 -8.40 10.21 7.22
C TYR B 353 -8.08 9.79 5.79
N LEU B 354 -6.95 10.32 5.28
CA LEU B 354 -6.51 10.05 3.90
CA LEU B 354 -6.54 10.04 3.90
C LEU B 354 -5.70 8.76 3.79
N HIS B 355 -5.86 7.81 4.74
CA HIS B 355 -5.06 6.59 4.73
C HIS B 355 -5.22 5.73 3.46
N ARG B 356 -6.34 5.80 2.75
CA ARG B 356 -6.56 5.07 1.52
C ARG B 356 -6.36 5.92 0.26
N PHE B 357 -5.80 7.12 0.40
CA PHE B 357 -5.60 8.02 -0.72
C PHE B 357 -4.50 7.46 -1.63
N PRO B 358 -3.38 6.95 -1.10
CA PRO B 358 -2.37 6.38 -1.99
C PRO B 358 -2.90 5.15 -2.74
N ALA B 359 -3.74 4.34 -2.11
CA ALA B 359 -4.25 3.17 -2.82
C ALA B 359 -5.16 3.59 -3.98
N TYR B 360 -5.98 4.61 -3.80
CA TYR B 360 -6.84 5.19 -4.82
C TYR B 360 -5.99 5.69 -5.97
N LEU B 361 -4.94 6.46 -5.64
CA LEU B 361 -4.05 7.01 -6.65
C LEU B 361 -3.27 5.95 -7.40
N GLN B 362 -2.96 4.86 -6.74
CA GLN B 362 -2.35 3.72 -7.40
C GLN B 362 -3.18 3.22 -8.57
N GLN B 363 -4.50 3.04 -8.40
CA GLN B 363 -5.37 2.61 -9.49
C GLN B 363 -5.39 3.73 -10.55
N LEU B 364 -5.69 4.97 -10.15
CA LEU B 364 -5.81 6.08 -11.11
C LEU B 364 -4.57 6.14 -12.00
N SER B 365 -3.41 6.13 -11.35
CA SER B 365 -2.15 6.29 -12.07
C SER B 365 -1.77 5.05 -12.88
N MET B 366 -1.70 3.90 -12.20
CA MET B 366 -1.09 2.74 -12.82
C MET B 366 -2.02 2.16 -13.87
N GLU B 367 -3.32 2.04 -13.61
CA GLU B 367 -4.27 1.51 -14.58
C GLU B 367 -4.35 2.45 -15.78
N SER B 368 -4.21 3.79 -15.60
CA SER B 368 -4.21 4.69 -16.74
C SER B 368 -2.94 4.52 -17.57
N ASN B 369 -1.80 4.57 -16.89
CA ASN B 369 -0.56 4.83 -17.63
C ASN B 369 0.37 3.62 -17.75
N GLY B 370 -0.05 2.45 -17.28
CA GLY B 370 0.68 1.23 -17.57
C GLY B 370 0.33 0.65 -18.93
N LYS B 371 0.99 1.20 -19.98
CA LYS B 371 0.64 0.96 -21.37
C LYS B 371 1.97 0.90 -22.09
N SER B 372 2.05 0.06 -23.13
CA SER B 372 3.28 0.00 -23.93
C SER B 372 3.10 0.43 -25.38
N VAL B 373 1.96 1.01 -25.72
CA VAL B 373 1.60 1.31 -27.12
C VAL B 373 1.07 2.73 -27.19
N THR B 374 1.54 3.47 -28.20
CA THR B 374 1.11 4.84 -28.42
C THR B 374 -0.18 4.97 -29.25
N ARG B 375 -0.69 6.22 -29.29
CA ARG B 375 -1.83 6.61 -30.10
C ARG B 375 -1.54 6.51 -31.59
N ALA B 376 -0.27 6.38 -31.97
CA ALA B 376 0.09 6.03 -33.34
C ALA B 376 0.21 4.52 -33.55
N ASN B 377 -0.11 3.71 -32.54
CA ASN B 377 -0.26 2.27 -32.64
C ASN B 377 1.10 1.61 -32.89
N VAL B 378 2.14 2.18 -32.25
CA VAL B 378 3.47 1.59 -32.19
C VAL B 378 3.90 1.39 -30.74
N PHE B 379 4.82 0.46 -30.51
CA PHE B 379 5.35 0.13 -29.20
C PHE B 379 6.29 1.22 -28.73
N THR B 380 6.16 1.54 -27.44
CA THR B 380 7.09 2.41 -26.80
C THR B 380 8.39 1.65 -26.59
N ASN B 381 9.49 2.31 -26.83
CA ASN B 381 10.76 1.82 -26.30
C ASN B 381 11.32 2.84 -25.32
N TYR B 382 10.46 3.37 -24.46
CA TYR B 382 10.84 4.23 -23.38
C TYR B 382 9.82 3.95 -22.28
N GLN B 383 10.14 4.42 -21.08
CA GLN B 383 9.29 4.16 -19.93
C GLN B 383 7.98 4.94 -19.97
N THR B 384 6.91 4.24 -19.50
CA THR B 384 5.62 4.85 -19.28
C THR B 384 5.31 4.81 -17.80
N GLY B 385 4.07 4.49 -17.42
CA GLY B 385 3.64 4.76 -16.07
C GLY B 385 4.59 4.24 -14.99
N THR B 386 4.71 5.06 -13.94
CA THR B 386 5.42 4.73 -12.71
C THR B 386 4.59 3.85 -11.77
N ILE B 387 5.31 3.25 -10.83
CA ILE B 387 4.68 2.51 -9.77
C ILE B 387 4.46 3.47 -8.61
N LEU B 388 3.19 3.68 -8.25
CA LEU B 388 2.78 4.66 -7.25
C LEU B 388 2.41 3.89 -6.01
N PHE B 389 2.94 4.32 -4.89
CA PHE B 389 2.69 3.66 -3.62
C PHE B 389 2.70 4.71 -2.52
N GLY B 390 2.29 4.25 -1.32
CA GLY B 390 2.39 5.10 -0.13
C GLY B 390 1.54 4.61 1.03
N GLU B 391 1.77 5.27 2.18
CA GLU B 391 1.03 5.04 3.42
C GLU B 391 0.99 6.42 4.11
N PRO B 392 0.08 6.65 5.08
CA PRO B 392 0.12 7.90 5.81
C PRO B 392 1.35 8.04 6.70
N ALA B 393 1.74 9.29 6.90
CA ALA B 393 2.63 9.73 7.96
C ALA B 393 1.79 10.18 9.17
N THR B 394 2.36 9.99 10.41
CA THR B 394 3.76 9.76 10.60
C THR B 394 4.19 8.29 10.56
N ASN B 395 3.25 7.37 10.43
CA ASN B 395 3.56 5.94 10.45
C ASN B 395 4.70 5.59 9.46
N ALA B 396 4.55 6.09 8.23
CA ALA B 396 5.55 5.80 7.20
C ALA B 396 6.99 6.13 7.61
N GLN B 397 7.22 7.16 8.45
CA GLN B 397 8.51 7.63 8.88
C GLN B 397 9.25 6.53 9.66
N HIS B 398 8.46 5.75 10.38
CA HIS B 398 8.99 4.74 11.29
C HIS B 398 9.42 3.50 10.53
N SER B 399 9.09 3.50 9.23
CA SER B 399 9.18 2.25 8.49
C SER B 399 9.95 2.49 7.23
N PHE B 400 9.25 2.58 6.10
CA PHE B 400 10.03 2.49 4.87
C PHE B 400 10.77 3.80 4.60
N PHE B 401 10.51 4.86 5.38
CA PHE B 401 11.28 6.08 5.17
C PHE B 401 12.77 5.86 5.42
N GLN B 402 13.15 4.82 6.21
CA GLN B 402 14.57 4.43 6.26
C GLN B 402 15.15 4.39 4.87
N LEU B 403 14.49 3.65 3.95
CA LEU B 403 15.02 3.46 2.60
C LEU B 403 14.90 4.77 1.81
N VAL B 404 13.85 5.53 2.01
CA VAL B 404 13.74 6.83 1.34
C VAL B 404 14.93 7.74 1.67
N HIS B 405 15.37 7.74 2.93
CA HIS B 405 16.49 8.57 3.38
C HIS B 405 17.87 8.03 3.04
N GLN B 406 18.11 6.72 3.25
CA GLN B 406 19.47 6.17 3.18
C GLN B 406 19.65 5.02 2.18
N GLY B 407 18.62 4.66 1.39
CA GLY B 407 18.78 3.67 0.36
C GLY B 407 19.44 4.18 -0.92
N THR B 408 19.43 3.33 -1.96
CA THR B 408 20.17 3.57 -3.19
C THR B 408 19.22 3.91 -4.35
N LYS B 409 17.94 4.07 -4.08
CA LYS B 409 16.90 4.38 -5.08
C LYS B 409 16.33 5.79 -4.91
N LEU B 410 16.18 6.49 -6.04
CA LEU B 410 15.53 7.80 -6.09
C LEU B 410 14.02 7.57 -6.07
N ILE B 411 13.35 8.12 -5.07
CA ILE B 411 11.92 7.93 -4.89
C ILE B 411 11.26 9.31 -4.79
N PRO B 412 10.88 9.89 -5.93
CA PRO B 412 10.12 11.14 -5.90
C PRO B 412 8.92 10.99 -4.96
N ALA B 413 8.68 12.01 -4.13
CA ALA B 413 7.64 11.89 -3.10
C ALA B 413 6.81 13.17 -3.04
N ASP B 414 5.51 13.00 -2.78
CA ASP B 414 4.55 14.06 -2.53
C ASP B 414 4.05 13.90 -1.11
N PHE B 415 4.25 14.94 -0.29
CA PHE B 415 3.71 14.99 1.05
C PHE B 415 2.53 15.95 1.14
N ILE B 416 1.46 15.55 1.88
CA ILE B 416 0.21 16.32 1.91
C ILE B 416 -0.19 16.53 3.36
N LEU B 417 -0.39 17.79 3.73
CA LEU B 417 -0.83 18.15 5.08
C LEU B 417 -1.92 19.20 5.01
N ALA B 418 -2.89 19.11 5.94
CA ALA B 418 -3.86 20.15 6.21
C ALA B 418 -3.36 21.02 7.37
N ALA B 419 -3.54 22.35 7.24
CA ALA B 419 -3.07 23.22 8.33
C ALA B 419 -3.99 23.08 9.53
N GLN B 420 -5.27 22.76 9.24
CA GLN B 420 -6.29 22.62 10.29
C GLN B 420 -6.82 21.19 10.28
N SER B 421 -6.87 20.61 11.50
CA SER B 421 -7.44 19.29 11.76
C SER B 421 -8.95 19.36 12.04
N HIS B 422 -9.70 18.37 11.55
CA HIS B 422 -11.06 18.17 12.01
C HIS B 422 -11.13 17.73 13.47
N ASN B 423 -10.02 17.25 14.03
CA ASN B 423 -9.98 16.72 15.38
C ASN B 423 -8.84 17.39 16.18
N PRO B 424 -8.91 18.71 16.47
CA PRO B 424 -7.80 19.45 17.10
C PRO B 424 -7.74 19.22 18.61
N ILE B 425 -7.61 17.95 18.97
CA ILE B 425 -7.67 17.55 20.37
C ILE B 425 -6.52 18.12 21.16
N GLU B 426 -6.72 18.12 22.49
CA GLU B 426 -5.66 18.56 23.38
C GLU B 426 -5.08 19.88 22.89
N LYS B 427 -5.95 20.88 22.63
CA LYS B 427 -5.53 22.21 22.24
C LYS B 427 -4.53 22.21 21.08
N ASN B 428 -4.82 21.33 20.11
CA ASN B 428 -4.05 21.27 18.87
C ASN B 428 -2.65 20.70 19.04
N LEU B 429 -2.33 20.02 20.14
CA LEU B 429 -0.98 19.48 20.37
C LEU B 429 -0.59 18.41 19.34
N HIS B 430 -1.54 17.52 19.05
CA HIS B 430 -1.29 16.44 18.10
C HIS B 430 -1.05 17.02 16.73
N GLN B 431 -1.82 18.06 16.41
CA GLN B 431 -1.75 18.68 15.08
C GLN B 431 -0.44 19.46 14.91
N ARG B 432 0.04 20.19 15.96
CA ARG B 432 1.32 20.84 15.81
C ARG B 432 2.44 19.81 15.68
N MET B 433 2.36 18.72 16.42
CA MET B 433 3.32 17.64 16.23
C MET B 433 3.30 17.03 14.82
N LEU B 434 2.11 16.75 14.30
CA LEU B 434 1.95 16.19 12.96
C LEU B 434 2.60 17.12 11.94
N ALA B 435 2.23 18.41 11.97
CA ALA B 435 2.78 19.42 11.09
C ALA B 435 4.30 19.52 11.21
N SER B 436 4.85 19.40 12.44
CA SER B 436 6.31 19.56 12.52
C SER B 436 7.03 18.48 11.73
N ASN B 437 6.46 17.28 11.75
CA ASN B 437 7.02 16.15 11.03
C ASN B 437 6.96 16.38 9.52
N PHE B 438 5.83 16.91 9.03
CA PHE B 438 5.70 17.26 7.63
C PHE B 438 6.83 18.15 7.20
N PHE B 439 7.09 19.25 7.96
CA PHE B 439 8.09 20.18 7.49
C PHE B 439 9.47 19.55 7.66
N ALA B 440 9.67 18.83 8.75
CA ALA B 440 11.01 18.35 9.10
C ALA B 440 11.49 17.27 8.15
N GLN B 441 10.55 16.42 7.69
CA GLN B 441 10.91 15.28 6.84
C GLN B 441 11.38 15.78 5.47
N SER B 442 10.65 16.71 4.86
CA SER B 442 11.06 17.23 3.57
C SER B 442 12.36 18.00 3.70
N GLU B 443 12.52 18.73 4.80
CA GLU B 443 13.74 19.47 5.06
C GLU B 443 14.94 18.53 5.12
N ALA B 444 14.78 17.44 5.88
CA ALA B 444 15.83 16.43 6.06
C ALA B 444 16.20 15.73 4.75
N LEU B 445 15.20 15.40 3.93
CA LEU B 445 15.46 14.79 2.63
C LEU B 445 16.29 15.71 1.75
N MET B 446 16.14 17.04 1.90
CA MET B 446 16.91 17.96 1.10
CA MET B 446 16.91 17.95 1.08
C MET B 446 18.29 18.16 1.70
N VAL B 447 18.33 18.50 2.98
CA VAL B 447 19.57 19.01 3.56
CA VAL B 447 19.55 19.00 3.60
C VAL B 447 20.54 17.86 3.82
N GLY B 448 20.06 16.68 4.21
CA GLY B 448 20.95 15.57 4.48
C GLY B 448 21.82 15.85 5.71
N LYS B 449 22.97 15.16 5.78
CA LYS B 449 23.89 15.27 6.91
C LYS B 449 25.26 14.74 6.48
N ASP B 450 26.24 15.64 6.42
CA ASP B 450 27.53 15.27 5.88
C ASP B 450 28.42 14.63 6.96
N GLU B 451 29.57 14.18 6.47
CA GLU B 451 30.53 13.45 7.30
C GLU B 451 30.96 14.32 8.49
N ALA B 452 31.22 15.60 8.21
CA ALA B 452 31.68 16.50 9.26
C ALA B 452 30.65 16.58 10.39
N LYS B 453 29.37 16.70 10.05
CA LYS B 453 28.32 16.79 11.06
C LYS B 453 28.15 15.49 11.85
N VAL B 454 28.27 14.36 11.19
CA VAL B 454 28.22 13.06 11.87
C VAL B 454 29.34 12.96 12.91
N LYS B 455 30.54 13.39 12.54
CA LYS B 455 31.65 13.42 13.48
C LYS B 455 31.35 14.36 14.63
N ALA B 456 30.84 15.57 14.35
CA ALA B 456 30.61 16.55 15.39
C ALA B 456 29.61 15.98 16.40
N GLU B 457 28.69 15.16 15.90
CA GLU B 457 27.62 14.54 16.70
C GLU B 457 28.10 13.32 17.49
N GLY B 458 29.36 12.92 17.30
CA GLY B 458 30.04 12.02 18.22
C GLY B 458 30.47 10.69 17.62
N ALA B 459 30.17 10.43 16.33
CA ALA B 459 30.62 9.17 15.74
C ALA B 459 32.09 9.26 15.34
N THR B 460 32.76 8.10 15.47
CA THR B 460 34.14 7.98 15.05
C THR B 460 34.34 6.69 14.25
N GLY B 461 35.42 6.69 13.48
CA GLY B 461 35.88 5.47 12.85
C GLY B 461 34.85 4.96 11.85
N GLY B 462 34.67 3.63 11.80
CA GLY B 462 33.83 3.05 10.78
C GLY B 462 32.34 3.36 10.92
N LEU B 463 31.89 3.85 12.08
CA LEU B 463 30.48 4.13 12.29
C LEU B 463 30.04 5.33 11.44
N VAL B 464 30.94 6.27 11.18
CA VAL B 464 30.60 7.55 10.58
C VAL B 464 29.78 7.40 9.31
N PRO B 465 30.20 6.65 8.25
CA PRO B 465 29.41 6.62 7.02
C PRO B 465 27.96 6.12 7.18
N HIS B 466 27.77 5.22 8.14
CA HIS B 466 26.44 4.63 8.36
C HIS B 466 25.44 5.70 8.80
N LYS B 467 25.94 6.80 9.40
CA LYS B 467 25.06 7.84 9.93
C LYS B 467 24.90 9.04 8.97
N GLU B 468 25.55 9.01 7.81
CA GLU B 468 25.47 10.07 6.82
C GLU B 468 24.15 9.98 6.06
N PHE B 469 23.69 11.16 5.62
CA PHE B 469 22.55 11.29 4.72
C PHE B 469 22.94 12.13 3.51
N SER B 470 22.62 11.66 2.28
CA SER B 470 23.03 12.34 1.06
C SER B 470 22.36 13.70 0.95
N GLY B 471 21.13 13.79 1.44
CA GLY B 471 20.25 14.87 1.03
C GLY B 471 20.08 14.90 -0.49
N ASN B 472 19.56 16.03 -0.98
CA ASN B 472 19.22 16.24 -2.37
C ASN B 472 18.24 15.18 -2.84
N ARG B 473 17.38 14.73 -1.93
CA ARG B 473 16.34 13.78 -2.27
C ARG B 473 15.03 14.56 -2.38
N PRO B 474 14.35 14.49 -3.53
CA PRO B 474 13.27 15.42 -3.84
C PRO B 474 11.94 15.12 -3.18
N THR B 475 11.22 16.18 -2.84
CA THR B 475 9.86 16.09 -2.36
C THR B 475 9.09 17.23 -3.04
N THR B 476 7.77 17.00 -3.14
CA THR B 476 6.78 18.04 -3.39
C THR B 476 5.91 18.13 -2.16
N SER B 477 5.72 19.35 -1.63
CA SER B 477 4.88 19.55 -0.45
C SER B 477 3.58 20.22 -0.89
N ILE B 478 2.43 19.64 -0.47
CA ILE B 478 1.12 20.17 -0.76
C ILE B 478 0.46 20.46 0.59
N LEU B 479 0.28 21.76 0.87
CA LEU B 479 -0.36 22.23 2.08
C LEU B 479 -1.75 22.76 1.77
N ALA B 480 -2.77 22.14 2.34
CA ALA B 480 -4.13 22.65 2.23
C ALA B 480 -4.44 23.41 3.53
N GLN B 481 -5.50 24.18 3.48
CA GLN B 481 -6.01 24.80 4.71
C GLN B 481 -6.74 23.81 5.59
N LYS B 482 -7.56 22.95 4.96
CA LYS B 482 -8.32 21.94 5.65
C LYS B 482 -8.83 20.94 4.60
N ILE B 483 -8.84 19.62 4.92
CA ILE B 483 -9.33 18.63 3.94
C ILE B 483 -10.83 18.56 4.09
N THR B 484 -11.47 19.55 3.48
CA THR B 484 -12.90 19.58 3.28
C THR B 484 -13.30 18.76 2.04
N PRO B 485 -14.60 18.50 1.81
CA PRO B 485 -15.04 17.89 0.53
C PRO B 485 -14.45 18.60 -0.68
N ALA B 486 -14.48 19.97 -0.66
CA ALA B 486 -14.01 20.75 -1.79
C ALA B 486 -12.54 20.55 -2.03
N THR B 487 -11.77 20.57 -0.95
CA THR B 487 -10.35 20.35 -1.05
C THR B 487 -10.04 18.99 -1.64
N LEU B 488 -10.71 17.97 -1.12
CA LEU B 488 -10.45 16.62 -1.61
C LEU B 488 -10.80 16.48 -3.11
N GLY B 489 -11.88 17.12 -3.55
CA GLY B 489 -12.27 17.11 -4.95
C GLY B 489 -11.14 17.71 -5.77
N SER B 490 -10.63 18.90 -5.34
CA SER B 490 -9.52 19.49 -6.08
C SER B 490 -8.27 18.61 -6.08
N LEU B 491 -7.94 17.93 -4.94
CA LEU B 491 -6.75 17.10 -4.86
C LEU B 491 -6.84 15.88 -5.77
N ILE B 492 -8.01 15.22 -5.85
CA ILE B 492 -8.13 14.12 -6.79
C ILE B 492 -7.99 14.61 -8.23
N ALA B 493 -8.67 15.71 -8.59
CA ALA B 493 -8.62 16.21 -9.95
C ALA B 493 -7.18 16.60 -10.24
N TYR B 494 -6.44 17.17 -9.28
CA TYR B 494 -5.01 17.40 -9.53
C TYR B 494 -4.33 16.14 -10.05
N TYR B 495 -4.47 15.00 -9.35
CA TYR B 495 -3.83 13.77 -9.77
C TYR B 495 -4.42 13.28 -11.09
N GLU B 496 -5.73 13.43 -11.32
CA GLU B 496 -6.32 13.04 -12.62
C GLU B 496 -5.56 13.76 -13.74
N HIS B 497 -5.39 15.08 -13.58
CA HIS B 497 -4.79 15.90 -14.64
C HIS B 497 -3.29 15.74 -14.72
N LEU B 498 -2.62 15.43 -13.59
CA LEU B 498 -1.20 15.04 -13.64
C LEU B 498 -1.08 13.77 -14.50
N THR B 499 -1.93 12.80 -14.19
CA THR B 499 -1.96 11.52 -14.92
C THR B 499 -2.21 11.74 -16.42
N PHE B 500 -3.13 12.65 -16.74
CA PHE B 500 -3.41 13.08 -18.11
C PHE B 500 -2.12 13.58 -18.77
N THR B 501 -1.38 14.46 -18.05
CA THR B 501 -0.23 15.13 -18.65
C THR B 501 0.82 14.08 -19.00
N GLU B 502 1.12 13.20 -18.03
CA GLU B 502 2.08 12.13 -18.22
C GLU B 502 1.70 11.35 -19.49
N GLY B 503 0.45 10.91 -19.56
CA GLY B 503 0.03 10.05 -20.67
C GLY B 503 0.13 10.75 -22.03
N ALA B 504 -0.16 12.06 -22.04
CA ALA B 504 -0.09 12.91 -23.23
C ALA B 504 1.34 12.99 -23.74
N ILE B 505 2.29 13.18 -22.82
CA ILE B 505 3.69 13.26 -23.24
C ILE B 505 4.16 11.90 -23.77
N TRP B 506 3.75 10.80 -23.14
CA TRP B 506 4.19 9.48 -23.56
C TRP B 506 3.45 9.04 -24.82
N ASN B 507 2.37 9.77 -25.14
CA ASN B 507 1.56 9.48 -26.29
C ASN B 507 0.78 8.17 -26.16
N ILE B 508 0.43 7.80 -24.92
CA ILE B 508 -0.35 6.59 -24.69
C ILE B 508 -1.84 6.96 -24.55
N ASN B 509 -2.69 5.95 -24.51
CA ASN B 509 -4.10 6.16 -24.20
C ASN B 509 -4.35 5.84 -22.73
N SER B 510 -4.52 6.88 -21.92
CA SER B 510 -4.59 6.76 -20.47
C SER B 510 -5.96 6.24 -20.08
N PHE B 511 -6.85 5.97 -21.06
CA PHE B 511 -8.24 5.76 -20.72
C PHE B 511 -8.79 4.37 -21.06
N ASP B 512 -8.01 3.52 -21.75
CA ASP B 512 -8.36 2.12 -21.89
C ASP B 512 -7.72 1.22 -20.81
N GLN B 513 -8.01 -0.10 -20.85
CA GLN B 513 -7.42 -1.06 -19.91
C GLN B 513 -7.60 -2.46 -20.48
N TRP B 514 -6.90 -2.71 -21.57
CA TRP B 514 -7.01 -3.99 -22.24
C TRP B 514 -6.32 -5.07 -21.41
N GLY B 515 -5.44 -4.66 -20.51
CA GLY B 515 -4.61 -5.54 -19.75
C GLY B 515 -5.33 -6.44 -18.78
N VAL B 516 -6.59 -6.15 -18.51
CA VAL B 516 -7.36 -7.01 -17.63
C VAL B 516 -7.84 -8.30 -18.32
N GLU B 517 -7.94 -8.31 -19.66
CA GLU B 517 -8.68 -9.35 -20.36
C GLU B 517 -8.08 -10.74 -20.23
N LEU B 518 -6.77 -10.93 -20.43
CA LEU B 518 -6.16 -12.23 -20.49
C LEU B 518 -6.41 -13.01 -19.19
N GLY B 519 -6.17 -12.37 -18.04
CA GLY B 519 -6.36 -13.05 -16.76
C GLY B 519 -7.84 -13.40 -16.53
N LYS B 520 -8.77 -12.56 -17.01
CA LYS B 520 -10.19 -12.84 -16.84
C LYS B 520 -10.55 -14.12 -17.62
N VAL B 521 -10.09 -14.22 -18.85
CA VAL B 521 -10.45 -15.34 -19.72
C VAL B 521 -9.86 -16.64 -19.17
N LEU B 522 -8.59 -16.53 -18.79
CA LEU B 522 -7.90 -17.68 -18.25
C LEU B 522 -8.51 -18.13 -16.92
N ALA B 523 -9.02 -17.19 -16.09
CA ALA B 523 -9.72 -17.58 -14.86
C ALA B 523 -10.99 -18.39 -15.14
N LYS B 524 -11.77 -18.00 -16.14
CA LYS B 524 -13.00 -18.72 -16.47
C LYS B 524 -12.67 -20.17 -16.83
N VAL B 525 -11.64 -20.40 -17.65
CA VAL B 525 -11.23 -21.73 -18.05
C VAL B 525 -10.89 -22.56 -16.82
N ILE B 526 -10.10 -21.99 -15.94
CA ILE B 526 -9.62 -22.72 -14.77
C ILE B 526 -10.75 -22.96 -13.77
N GLY B 527 -11.65 -21.98 -13.64
CA GLY B 527 -12.79 -22.16 -12.75
C GLY B 527 -13.59 -23.41 -13.10
N LYS B 528 -13.83 -23.65 -14.39
CA LYS B 528 -14.54 -24.85 -14.82
C LYS B 528 -13.75 -26.08 -14.38
N GLU B 529 -12.42 -26.05 -14.51
CA GLU B 529 -11.57 -27.18 -14.11
C GLU B 529 -11.58 -27.43 -12.60
N LEU B 530 -11.84 -26.41 -11.77
CA LEU B 530 -11.88 -26.54 -10.32
C LEU B 530 -13.24 -27.09 -9.89
N ASP B 531 -14.24 -26.97 -10.77
CA ASP B 531 -15.57 -27.49 -10.50
C ASP B 531 -15.56 -28.99 -10.75
N ASP B 532 -14.75 -29.43 -11.74
CA ASP B 532 -14.59 -30.84 -12.10
C ASP B 532 -13.59 -31.53 -11.17
N LYS B 533 -13.66 -32.87 -11.11
CA LYS B 533 -12.90 -33.68 -10.16
C LYS B 533 -11.45 -33.87 -10.62
N LYS B 534 -11.25 -34.09 -11.91
CA LYS B 534 -10.01 -34.70 -12.40
C LYS B 534 -8.81 -33.78 -12.17
N ALA B 535 -7.62 -34.38 -12.11
CA ALA B 535 -6.35 -33.68 -12.28
C ALA B 535 -6.28 -33.05 -13.66
N VAL B 536 -5.51 -31.96 -13.79
CA VAL B 536 -5.49 -31.16 -15.00
C VAL B 536 -4.11 -31.27 -15.65
N ALA B 537 -4.10 -31.32 -16.99
CA ALA B 537 -2.87 -31.29 -17.77
C ALA B 537 -2.98 -30.41 -19.01
N THR B 538 -3.88 -29.43 -18.97
CA THR B 538 -4.23 -28.57 -20.09
C THR B 538 -3.39 -27.29 -20.13
N HIS B 539 -2.51 -27.08 -19.14
CA HIS B 539 -1.77 -25.81 -19.04
C HIS B 539 -0.27 -26.10 -19.06
N ASP B 540 0.57 -25.08 -18.90
CA ASP B 540 1.96 -25.25 -18.59
C ASP B 540 2.13 -26.06 -17.31
N ALA B 541 3.34 -26.54 -17.07
CA ALA B 541 3.58 -27.49 -15.99
C ALA B 541 3.46 -26.87 -14.59
N SER B 542 3.72 -25.55 -14.49
CA SER B 542 3.58 -24.83 -13.23
C SER B 542 2.12 -24.64 -12.89
N THR B 543 1.36 -24.11 -13.84
CA THR B 543 -0.07 -23.98 -13.64
C THR B 543 -0.73 -25.33 -13.34
N ASN B 544 -0.37 -26.37 -14.07
CA ASN B 544 -0.92 -27.69 -13.77
C ASN B 544 -0.56 -28.13 -12.35
N GLY B 545 0.73 -27.96 -12.01
CA GLY B 545 1.26 -28.35 -10.71
C GLY B 545 0.53 -27.69 -9.55
N LEU B 546 0.28 -26.39 -9.72
CA LEU B 546 -0.36 -25.60 -8.70
C LEU B 546 -1.80 -26.03 -8.56
N ILE B 547 -2.51 -26.13 -9.70
CA ILE B 547 -3.91 -26.59 -9.66
C ILE B 547 -3.99 -27.96 -8.97
N ASN B 548 -3.14 -28.86 -9.38
CA ASN B 548 -3.26 -30.24 -8.93
C ASN B 548 -2.88 -30.35 -7.45
N GLN B 549 -1.95 -29.51 -6.97
CA GLN B 549 -1.61 -29.51 -5.55
C GLN B 549 -2.79 -28.94 -4.74
N PHE B 550 -3.43 -27.92 -5.29
CA PHE B 550 -4.63 -27.34 -4.69
C PHE B 550 -5.71 -28.40 -4.56
N LYS B 551 -5.96 -29.15 -5.63
CA LYS B 551 -6.98 -30.20 -5.60
C LYS B 551 -6.74 -31.22 -4.49
N GLU B 552 -5.47 -31.52 -4.22
CA GLU B 552 -5.10 -32.48 -3.18
C GLU B 552 -5.37 -31.86 -1.81
N TRP B 553 -5.30 -30.53 -1.71
CA TRP B 553 -5.42 -29.85 -0.44
C TRP B 553 -6.78 -29.20 -0.18
N GLU B 554 -7.70 -29.14 -1.16
CA GLU B 554 -8.88 -28.33 -0.93
C GLU B 554 -9.87 -29.10 -0.07
N GLU B 555 -10.92 -28.41 0.39
CA GLU B 555 -11.93 -29.09 1.19
C GLU B 555 -12.48 -30.31 0.43
C01 A1IIB C . 3.13 13.60 26.48
O02 A1IIB C . 2.12 14.33 25.71
C03 A1IIB C . 1.38 15.28 26.38
O09 A1IIB C . 1.94 16.09 27.18
C04 A1IIB C . 0.00 15.29 26.18
N08 A1IIB C . -0.83 14.42 25.49
C07 A1IIB C . -2.07 14.88 25.69
N06 A1IIB C . -2.02 16.02 26.43
C05 A1IIB C . -0.76 16.24 26.74
O1A PA5 D . 11.41 0.03 13.14
C1 PA5 D . 11.62 0.84 14.07
O1 PA5 D . 12.62 0.89 14.80
C2 PA5 D . 10.55 1.89 14.36
O2 PA5 D . 9.43 1.74 13.52
C3 PA5 D . 10.07 1.77 15.78
O3 PA5 D . 9.43 0.49 15.89
C4 PA5 D . 9.17 2.97 16.16
O4 PA5 D . 9.93 4.17 16.03
C5 PA5 D . 8.70 2.86 17.60
O5 PA5 D . 9.87 2.86 18.49
P PA5 D . 9.55 2.36 20.00
O1P PA5 D . 9.01 0.94 19.91
O2P PA5 D . 10.91 2.48 20.71
O3P PA5 D . 8.51 3.31 20.54
CL CL E . 16.47 -22.74 -19.44
C01 A1IIB F . -23.81 -15.51 -9.43
O02 A1IIB F . -23.29 -16.05 -8.15
C03 A1IIB F . -24.12 -16.97 -7.63
O09 A1IIB F . -24.80 -17.72 -8.35
C04 A1IIB F . -24.14 -17.13 -6.28
N08 A1IIB F . -23.61 -16.38 -5.24
C07 A1IIB F . -23.88 -17.05 -4.17
N06 A1IIB F . -24.55 -18.22 -4.47
C05 A1IIB F . -24.71 -18.24 -5.79
CL CL G . 12.73 6.21 -20.78
#